data_8Z9P
#
_entry.id   8Z9P
#
loop_
_entity.id
_entity.type
_entity.pdbx_description
1 polymer 'Guanine nucleotide-binding protein G(I)/G(S)/G(T) subunit beta-1'
2 polymer 'Guanine nucleotide-binding protein G(I)/G(S)/G(O) subunit gamma-2'
3 polymer 'G-protein coupled receptor 4'
4 polymer 'Guanine nucleotide-binding protein G(i) subunit alpha-1'
5 polymer 'single Fab chain (svFv16)'
6 non-polymer CHOLESTEROL
#
loop_
_entity_poly.entity_id
_entity_poly.type
_entity_poly.pdbx_seq_one_letter_code
_entity_poly.pdbx_strand_id
1 'polypeptide(L)'
;MGSLLQSELDQLRQEAEQLKNQIRDARKACADATLSQITNNIDPVGRIQMRTRRTLRGHLAKIYAMHWGTDSRLLVSASQ
DGKLIIWDSYTTNKVHAIPLRSSWVMTCAYAPSGNYVACGGLDNICSIYNLKTREGNVRVSRELAGHTGYLSCCRFLDDN
QIVTSSGDTTCALWDIETGQQTTTFTGHTGDVMSLSLAPDTRLFVSGACDASAKLWDVREGMCRQTFTGHESDINAICFF
PNGNAFATGSDDATCRLFDLRADQELMTYSHDNIICGITSVSFSKSGRLLLAGYDDFNCNVWDALKADRAGVLAGHDNRV
SCLGVTDDGMAVATGSWDSFLKIWN
;
B
2 'polypeptide(L)' ASNNTASIAQARKLVEQLKMEANIDRIKVSKAAADLMAYCEAHAKEDPLLTPVPASENPFREKKFFCAIL G
3 'polypeptide(L)'
;GCHVDSRVDHLFPPSLYIFVIGVGLPTNCLALWAAYRQVQQRNELGVYLMNLSIADLLYICTLPLWVDYFLHHDNWIHGP
GSCKLFGFIFYTNIYISIAFLCCISVDRYLAVAHPLRFARLRRVKTAVAVSSVVWATELGANSAPLFHDELFRDRYNHTF
CFEKFPMEGWVAWMNLYRVFVGFLFPWALMLLSYRGILRAVRGSVSTERQEKAKIKRLALSLIAIVLVCFAPYHVLLLSR
SAIYLGRPWDCGFEERVFSAYHSSLAFTSLNCVADPILYCLVNEGARSDVAKALHNLLRFLAS
;
R
4 'polypeptide(L)'
;MGCTLSAEDKAAVERSKMIDRNLREDGEKAAREVKLLLLGAGESGKNTIVKQMKIIHEAGYSEEECKQYKAVVYSNTIQS
IIAIIRAMGRLKIDFGDSARADDARQLFVLAGAAEEGFMTAELAGVIKRLWKDSGVQACFNRSREYQLNDSAAYYLNDLD
RIAQPNYIPTQQDVLRTRVKTTGIVETHFTFKDLHFKMFDVGAQRSERKKWIHCFEGVTAIIFCVALSDYDLVLAEDEEM
NRMHASMKLFDSICNNKWFTDTSIILFLNKKDLFEEKIKKSPLTICYPEYAGSNTYEEAAAYIQCQFEDLNKRKDTKEIY
THFTCSTDTKNVQFVFDAVTDVIIKNNLKDCGLF
;
C
5 'polypeptide(L)'
;DVQLVESGGGLVQPGGSRKLSCSASGFAFSSFGMHWVRQAPEKGLEWVAYISSGSGTIYYADTVKGRFTISRDDPKNTLF
LQMTSLRSEDTAMYYCVRSIYYYGSSPFDFWGQGTTLTVSSGGGGSGGGGSGGGGSDIVMTQATSSVPVTPGESVSISCR
SSKSLLHSNGNTYLYWFLQRPGQSPQLLIYRMSNLASGVPDRFSGSGSGTAFTLTISRLEAEDVGVYYCMQHLEYPLTFG
AGTKLELKGS
;
S
#
loop_
_chem_comp.id
_chem_comp.type
_chem_comp.name
_chem_comp.formula
CLR non-polymer CHOLESTEROL 'C27 H46 O'
#
# COMPACT_ATOMS: atom_id res chain seq x y z
N SER A 7 46.33 -39.52 -9.32
CA SER A 7 45.16 -39.02 -8.59
C SER A 7 44.51 -37.87 -9.38
N GLU A 8 43.33 -38.16 -10.02
CA GLU A 8 42.56 -37.22 -10.85
C GLU A 8 42.08 -36.02 -10.05
N LEU A 9 41.76 -36.26 -8.78
CA LEU A 9 41.27 -35.21 -7.92
C LEU A 9 42.33 -34.16 -7.69
N ASP A 10 43.57 -34.60 -7.50
CA ASP A 10 44.62 -33.66 -7.18
C ASP A 10 45.09 -32.99 -8.44
N GLN A 11 45.08 -33.69 -9.58
CA GLN A 11 45.52 -33.05 -10.80
C GLN A 11 44.57 -31.90 -11.16
N LEU A 12 43.26 -32.14 -10.96
CA LEU A 12 42.28 -31.12 -11.27
C LEU A 12 42.31 -29.98 -10.26
N ARG A 13 42.54 -30.27 -8.98
CA ARG A 13 42.63 -29.18 -8.03
C ARG A 13 43.84 -28.30 -8.31
N GLN A 14 44.96 -28.92 -8.73
CA GLN A 14 46.16 -28.15 -9.04
C GLN A 14 45.92 -27.28 -10.27
N GLU A 15 45.22 -27.81 -11.29
CA GLU A 15 44.96 -26.95 -12.43
C GLU A 15 44.05 -25.81 -12.04
N ALA A 16 43.06 -26.08 -11.18
CA ALA A 16 42.17 -24.99 -10.81
C ALA A 16 42.92 -23.87 -10.11
N GLU A 17 43.87 -24.19 -9.24
CA GLU A 17 44.55 -23.10 -8.57
C GLU A 17 45.44 -22.34 -9.55
N GLN A 18 46.06 -23.05 -10.48
CA GLN A 18 46.92 -22.40 -11.46
C GLN A 18 46.09 -21.49 -12.35
N LEU A 19 44.89 -21.93 -12.72
CA LEU A 19 44.00 -21.17 -13.57
C LEU A 19 43.48 -19.95 -12.85
N LYS A 20 43.20 -20.07 -11.54
CA LYS A 20 42.76 -18.91 -10.79
C LYS A 20 43.86 -17.86 -10.80
N ASN A 21 45.12 -18.33 -10.68
CA ASN A 21 46.23 -17.41 -10.71
C ASN A 21 46.40 -16.78 -12.09
N GLN A 22 46.15 -17.55 -13.18
CA GLN A 22 46.28 -16.98 -14.51
C GLN A 22 45.26 -15.88 -14.72
N ILE A 23 44.05 -16.09 -14.23
CA ILE A 23 43.00 -15.10 -14.38
C ILE A 23 43.36 -13.85 -13.60
N ARG A 24 43.80 -14.02 -12.36
CA ARG A 24 44.15 -12.86 -11.55
C ARG A 24 45.23 -12.05 -12.22
N ASP A 25 46.27 -12.69 -12.75
CA ASP A 25 47.35 -11.96 -13.36
C ASP A 25 46.94 -11.36 -14.69
N ALA A 26 46.08 -12.05 -15.45
CA ALA A 26 45.61 -11.52 -16.72
C ALA A 26 44.87 -10.22 -16.47
N ARG A 27 44.16 -10.15 -15.35
CA ARG A 27 43.47 -8.94 -14.96
C ARG A 27 44.44 -7.88 -14.45
N LYS A 28 45.44 -8.26 -13.65
CA LYS A 28 46.38 -7.24 -13.18
C LYS A 28 47.12 -6.61 -14.34
N ALA A 29 47.38 -7.40 -15.37
CA ALA A 29 48.09 -6.97 -16.57
C ALA A 29 47.36 -5.86 -17.32
N CYS A 30 46.06 -5.72 -17.08
CA CYS A 30 45.23 -4.74 -17.72
C CYS A 30 45.05 -3.52 -16.83
N ALA A 31 45.60 -3.55 -15.61
CA ALA A 31 45.36 -2.46 -14.68
C ALA A 31 46.32 -1.28 -14.86
N ASP A 32 46.24 -0.62 -16.01
CA ASP A 32 47.10 0.53 -16.31
C ASP A 32 46.41 1.86 -16.02
N ALA A 33 45.22 1.79 -15.48
CA ALA A 33 44.40 2.93 -15.16
C ALA A 33 43.26 2.50 -14.29
N THR A 34 42.58 3.45 -13.73
CA THR A 34 41.35 3.19 -13.02
C THR A 34 40.38 4.15 -13.66
N LEU A 35 39.08 4.00 -13.41
CA LEU A 35 38.15 4.97 -13.98
C LEU A 35 38.43 6.32 -13.35
N SER A 36 38.83 6.16 -12.08
CA SER A 36 38.77 7.28 -11.18
C SER A 36 39.90 8.26 -11.53
N GLN A 37 40.84 7.85 -12.40
CA GLN A 37 41.94 8.72 -12.77
C GLN A 37 41.80 9.25 -14.18
N ILE A 38 41.18 8.46 -15.08
CA ILE A 38 41.07 8.96 -16.45
C ILE A 38 39.99 10.05 -16.42
N THR A 39 39.12 9.96 -15.41
CA THR A 39 38.02 10.86 -15.22
C THR A 39 38.38 12.09 -14.36
N ASN A 40 39.66 12.28 -14.01
CA ASN A 40 40.06 13.42 -13.18
C ASN A 40 39.77 14.76 -13.83
N ASN A 41 39.79 14.81 -15.16
CA ASN A 41 39.59 16.06 -15.86
C ASN A 41 38.16 16.27 -16.33
N ILE A 42 37.23 15.47 -15.84
CA ILE A 42 35.83 15.63 -16.23
C ILE A 42 35.09 16.50 -15.24
N ASP A 43 34.36 17.50 -15.74
CA ASP A 43 33.56 18.35 -14.86
C ASP A 43 32.55 17.47 -14.13
N PRO A 44 32.31 17.67 -12.83
CA PRO A 44 31.38 16.92 -12.01
C PRO A 44 29.98 17.24 -12.44
N VAL A 45 29.06 16.32 -12.19
CA VAL A 45 27.67 16.60 -12.55
C VAL A 45 27.05 17.71 -11.73
N GLY A 46 27.64 18.01 -10.59
CA GLY A 46 27.14 19.06 -9.73
C GLY A 46 26.09 18.49 -8.84
N ARG A 47 25.32 19.34 -8.19
CA ARG A 47 24.37 18.80 -7.25
C ARG A 47 23.10 18.50 -8.00
N ILE A 48 22.61 17.30 -7.82
CA ILE A 48 21.38 16.90 -8.46
C ILE A 48 20.25 16.85 -7.50
N GLN A 49 19.33 17.78 -7.70
CA GLN A 49 18.20 17.97 -6.83
C GLN A 49 16.91 17.57 -7.46
N MET A 50 16.43 16.40 -7.12
CA MET A 50 15.21 15.88 -7.68
C MET A 50 14.08 16.09 -6.74
N ARG A 51 12.90 16.19 -7.27
CA ARG A 51 11.73 16.39 -6.45
C ARG A 51 10.72 15.32 -6.72
N THR A 52 9.94 15.02 -5.71
CA THR A 52 8.89 14.07 -5.91
C THR A 52 7.84 14.77 -6.72
N ARG A 53 7.39 14.15 -7.78
CA ARG A 53 6.37 14.68 -8.63
C ARG A 53 5.10 13.91 -8.43
N ARG A 54 5.21 12.64 -8.12
CA ARG A 54 4.03 11.84 -7.91
C ARG A 54 4.24 10.92 -6.75
N THR A 55 3.18 10.68 -5.98
CA THR A 55 3.21 9.66 -4.96
C THR A 55 2.11 8.71 -5.33
N LEU A 56 2.46 7.45 -5.45
CA LEU A 56 1.49 6.47 -5.84
C LEU A 56 1.09 5.71 -4.59
N ARG A 57 -0.15 5.85 -4.22
CA ARG A 57 -0.68 5.27 -3.01
C ARG A 57 -1.65 4.18 -3.37
N GLY A 58 -1.70 3.13 -2.59
CA GLY A 58 -2.63 2.05 -2.86
C GLY A 58 -2.18 0.75 -2.26
N HIS A 59 -0.88 0.50 -2.23
CA HIS A 59 -0.43 -0.72 -1.57
C HIS A 59 -0.61 -0.57 -0.07
N LEU A 60 -0.94 -1.67 0.58
CA LEU A 60 -1.14 -1.68 2.01
C LEU A 60 -0.07 -2.48 2.74
N ALA A 61 0.97 -2.78 2.03
CA ALA A 61 2.04 -3.60 2.52
C ALA A 61 3.32 -3.27 1.84
N LYS A 62 4.39 -3.77 2.37
CA LYS A 62 5.70 -3.56 1.83
C LYS A 62 5.78 -3.87 0.36
N ILE A 63 6.40 -2.95 -0.38
CA ILE A 63 6.62 -3.11 -1.78
C ILE A 63 7.94 -3.78 -1.99
N TYR A 64 7.93 -4.87 -2.70
CA TYR A 64 9.13 -5.61 -3.00
C TYR A 64 9.63 -5.41 -4.38
N ALA A 65 8.74 -5.08 -5.29
CA ALA A 65 9.23 -4.97 -6.65
C ALA A 65 8.51 -3.91 -7.43
N MET A 66 9.24 -3.42 -8.41
CA MET A 66 8.83 -2.43 -9.37
C MET A 66 9.38 -2.74 -10.73
N HIS A 67 8.63 -2.44 -11.76
CA HIS A 67 9.24 -2.46 -13.06
C HIS A 67 8.54 -1.48 -14.00
N TRP A 68 9.31 -0.63 -14.66
CA TRP A 68 8.70 0.28 -15.63
C TRP A 68 8.45 -0.43 -16.93
N GLY A 69 7.34 -0.09 -17.57
CA GLY A 69 7.07 -0.61 -18.87
C GLY A 69 7.88 0.19 -19.87
N THR A 70 7.84 -0.20 -21.12
CA THR A 70 8.63 0.44 -22.16
C THR A 70 8.09 1.73 -22.69
N ASP A 71 6.88 2.09 -22.30
CA ASP A 71 6.32 3.33 -22.77
C ASP A 71 6.63 4.47 -21.83
N SER A 72 7.39 4.20 -20.76
CA SER A 72 7.80 5.17 -19.75
C SER A 72 6.62 5.78 -18.99
N ARG A 73 5.44 5.21 -19.14
CA ARG A 73 4.27 5.70 -18.49
C ARG A 73 3.67 4.67 -17.56
N LEU A 74 3.72 3.39 -17.91
CA LEU A 74 3.11 2.45 -16.99
C LEU A 74 4.12 1.75 -16.14
N LEU A 75 3.74 1.47 -14.90
CA LEU A 75 4.55 0.71 -13.97
C LEU A 75 3.83 -0.47 -13.46
N VAL A 76 4.56 -1.50 -13.12
CA VAL A 76 3.99 -2.58 -12.37
C VAL A 76 4.67 -2.63 -11.03
N SER A 77 3.90 -2.76 -9.98
CA SER A 77 4.51 -2.89 -8.68
C SER A 77 3.91 -4.05 -7.95
N ALA A 78 4.70 -4.64 -7.08
CA ALA A 78 4.27 -5.79 -6.32
C ALA A 78 4.50 -5.64 -4.86
N SER A 79 3.53 -6.09 -4.09
CA SER A 79 3.64 -6.06 -2.65
C SER A 79 3.08 -7.28 -2.00
N GLN A 80 3.34 -7.35 -0.70
CA GLN A 80 2.94 -8.43 0.18
C GLN A 80 1.46 -8.41 0.51
N ASP A 81 0.70 -7.63 -0.25
CA ASP A 81 -0.74 -7.58 -0.20
C ASP A 81 -1.23 -8.74 -1.03
N GLY A 82 -0.34 -9.27 -1.85
CA GLY A 82 -0.69 -10.31 -2.77
C GLY A 82 -1.32 -9.69 -3.96
N LYS A 83 -0.79 -8.52 -4.31
CA LYS A 83 -1.32 -7.80 -5.43
C LYS A 83 -0.26 -7.18 -6.30
N LEU A 84 -0.56 -7.13 -7.58
CA LEU A 84 0.24 -6.33 -8.48
C LEU A 84 -0.63 -5.18 -8.87
N ILE A 85 -0.05 -4.03 -9.01
CA ILE A 85 -0.81 -2.90 -9.49
C ILE A 85 -0.15 -2.33 -10.70
N ILE A 86 -0.95 -2.08 -11.73
CA ILE A 86 -0.44 -1.45 -12.93
C ILE A 86 -0.83 -0.01 -12.80
N TRP A 87 0.15 0.86 -12.80
CA TRP A 87 -0.10 2.26 -12.55
C TRP A 87 0.13 3.12 -13.74
N ASP A 88 -0.69 4.14 -13.88
CA ASP A 88 -0.48 5.21 -14.83
C ASP A 88 0.30 6.27 -14.12
N SER A 89 1.58 6.40 -14.42
CA SER A 89 2.48 7.27 -13.74
C SER A 89 2.21 8.73 -13.98
N TYR A 90 1.48 9.08 -15.03
CA TYR A 90 1.30 10.48 -15.29
C TYR A 90 0.09 10.96 -14.56
N THR A 91 -0.92 10.13 -14.53
CA THR A 91 -2.15 10.56 -13.92
C THR A 91 -2.38 10.06 -12.51
N THR A 92 -1.59 9.07 -12.07
CA THR A 92 -1.76 8.40 -10.79
C THR A 92 -3.06 7.66 -10.81
N ASN A 93 -3.19 6.80 -11.79
CA ASN A 93 -4.39 6.01 -11.86
C ASN A 93 -4.03 4.56 -11.78
N LYS A 94 -4.91 3.80 -11.22
CA LYS A 94 -4.70 2.40 -11.25
C LYS A 94 -5.33 1.93 -12.51
N VAL A 95 -4.57 1.21 -13.29
CA VAL A 95 -5.01 0.70 -14.55
C VAL A 95 -5.51 -0.68 -14.25
N HIS A 96 -4.74 -1.44 -13.51
CA HIS A 96 -5.17 -2.78 -13.14
C HIS A 96 -4.75 -3.11 -11.74
N ALA A 97 -5.45 -4.02 -11.10
CA ALA A 97 -5.03 -4.58 -9.84
C ALA A 97 -5.23 -6.06 -10.01
N ILE A 98 -4.16 -6.80 -9.80
CA ILE A 98 -4.13 -8.22 -10.07
C ILE A 98 -3.94 -9.02 -8.79
N PRO A 99 -4.91 -9.77 -8.30
CA PRO A 99 -4.80 -10.61 -7.14
C PRO A 99 -3.80 -11.70 -7.41
N LEU A 100 -3.00 -12.05 -6.43
CA LEU A 100 -2.06 -13.13 -6.60
C LEU A 100 -2.47 -14.35 -5.79
N ARG A 101 -2.10 -15.52 -6.29
CA ARG A 101 -2.39 -16.80 -5.65
C ARG A 101 -1.52 -17.03 -4.41
N SER A 102 -0.43 -16.30 -4.34
CA SER A 102 0.52 -16.32 -3.27
C SER A 102 0.94 -14.92 -3.00
N SER A 103 0.83 -14.50 -1.77
CA SER A 103 1.18 -13.15 -1.42
C SER A 103 2.65 -12.95 -1.27
N TRP A 104 3.40 -14.02 -1.25
CA TRP A 104 4.82 -13.92 -0.99
C TRP A 104 5.57 -13.63 -2.26
N VAL A 105 5.36 -12.44 -2.76
CA VAL A 105 5.90 -12.00 -4.03
C VAL A 105 7.14 -11.19 -3.80
N MET A 106 8.20 -11.48 -4.54
CA MET A 106 9.43 -10.75 -4.37
C MET A 106 9.92 -10.07 -5.62
N THR A 107 9.40 -10.49 -6.75
CA THR A 107 9.81 -9.93 -8.02
C THR A 107 8.64 -9.80 -8.94
N CYS A 108 8.74 -8.86 -9.89
CA CYS A 108 7.78 -8.72 -10.95
C CYS A 108 8.46 -8.16 -12.17
N ALA A 109 7.85 -8.31 -13.33
CA ALA A 109 8.41 -7.76 -14.56
C ALA A 109 7.34 -7.41 -15.56
N TYR A 110 7.52 -6.34 -16.30
CA TYR A 110 6.65 -5.94 -17.35
C TYR A 110 7.27 -6.38 -18.63
N ALA A 111 6.55 -7.08 -19.47
CA ALA A 111 7.07 -7.47 -20.77
C ALA A 111 7.28 -6.25 -21.62
N PRO A 112 8.31 -6.20 -22.48
CA PRO A 112 8.62 -5.10 -23.38
C PRO A 112 7.47 -4.68 -24.29
N SER A 113 6.60 -5.61 -24.60
CA SER A 113 5.45 -5.36 -25.45
C SER A 113 4.29 -4.76 -24.71
N GLY A 114 4.30 -4.85 -23.40
CA GLY A 114 3.22 -4.39 -22.57
C GLY A 114 2.08 -5.39 -22.49
N ASN A 115 2.26 -6.57 -23.06
CA ASN A 115 1.20 -7.55 -23.08
C ASN A 115 1.14 -8.41 -21.84
N TYR A 116 2.29 -8.63 -21.21
CA TYR A 116 2.36 -9.54 -20.09
C TYR A 116 3.09 -9.00 -18.91
N VAL A 117 2.70 -9.49 -17.76
CA VAL A 117 3.34 -9.22 -16.49
C VAL A 117 3.73 -10.50 -15.78
N ALA A 118 4.95 -10.55 -15.29
CA ALA A 118 5.41 -11.72 -14.59
C ALA A 118 5.58 -11.43 -13.14
N CYS A 119 5.37 -12.42 -12.27
CA CYS A 119 5.75 -12.23 -10.87
C CYS A 119 5.85 -13.54 -10.10
N GLY A 120 6.46 -13.47 -8.94
CA GLY A 120 6.49 -14.62 -8.03
C GLY A 120 7.44 -14.43 -6.88
N GLY A 121 7.64 -15.48 -6.07
CA GLY A 121 8.51 -15.39 -4.90
C GLY A 121 8.67 -16.70 -4.11
N LEU A 122 8.02 -16.79 -2.95
CA LEU A 122 8.31 -17.96 -2.10
C LEU A 122 7.54 -19.20 -2.49
N ASP A 123 6.77 -19.12 -3.53
CA ASP A 123 6.04 -20.24 -4.06
C ASP A 123 6.88 -21.02 -5.06
N ASN A 124 8.05 -20.49 -5.37
CA ASN A 124 9.02 -21.00 -6.33
C ASN A 124 8.48 -21.06 -7.76
N ILE A 125 7.47 -20.24 -8.05
CA ILE A 125 6.81 -20.21 -9.37
C ILE A 125 6.79 -18.85 -10.04
N CYS A 126 7.13 -18.80 -11.31
CA CYS A 126 7.00 -17.52 -12.01
C CYS A 126 5.68 -17.52 -12.75
N SER A 127 4.76 -16.66 -12.36
CA SER A 127 3.45 -16.63 -12.99
C SER A 127 3.41 -15.56 -14.04
N ILE A 128 2.88 -15.89 -15.20
CA ILE A 128 2.77 -14.95 -16.28
C ILE A 128 1.30 -14.58 -16.46
N TYR A 129 1.02 -13.30 -16.37
CA TYR A 129 -0.30 -12.72 -16.51
C TYR A 129 -0.48 -12.05 -17.84
N ASN A 130 -1.62 -12.27 -18.44
CA ASN A 130 -2.00 -11.67 -19.71
C ASN A 130 -2.83 -10.45 -19.46
N LEU A 131 -2.29 -9.27 -19.79
CA LEU A 131 -2.98 -8.04 -19.49
C LEU A 131 -3.97 -7.62 -20.56
N LYS A 132 -3.96 -8.29 -21.69
CA LYS A 132 -4.81 -7.90 -22.80
C LYS A 132 -5.66 -9.04 -23.29
N THR A 133 -6.83 -9.15 -22.72
CA THR A 133 -7.71 -10.25 -23.00
C THR A 133 -9.06 -9.76 -23.49
N ARG A 134 -9.75 -10.60 -24.25
CA ARG A 134 -11.07 -10.32 -24.79
C ARG A 134 -12.10 -10.16 -23.73
N GLU A 135 -11.95 -10.92 -22.67
CA GLU A 135 -12.83 -10.93 -21.54
C GLU A 135 -12.73 -9.66 -20.69
N GLY A 136 -11.67 -8.87 -20.88
CA GLY A 136 -11.50 -7.66 -20.10
C GLY A 136 -10.96 -7.84 -18.71
N ASN A 137 -10.23 -8.90 -18.47
CA ASN A 137 -9.69 -9.09 -17.14
C ASN A 137 -8.33 -9.71 -17.23
N VAL A 138 -7.49 -9.39 -16.28
CA VAL A 138 -6.17 -9.96 -16.28
C VAL A 138 -6.23 -11.36 -15.76
N ARG A 139 -5.61 -12.29 -16.46
CA ARG A 139 -5.63 -13.67 -16.03
C ARG A 139 -4.27 -14.33 -16.15
N VAL A 140 -4.06 -15.41 -15.42
CA VAL A 140 -2.80 -16.13 -15.53
C VAL A 140 -2.82 -16.94 -16.79
N SER A 141 -1.81 -16.74 -17.63
CA SER A 141 -1.73 -17.49 -18.86
C SER A 141 -0.83 -18.69 -18.69
N ARG A 142 0.15 -18.56 -17.81
CA ARG A 142 1.08 -19.65 -17.58
C ARG A 142 1.79 -19.62 -16.23
N GLU A 143 1.86 -20.78 -15.58
CA GLU A 143 2.67 -20.90 -14.36
C GLU A 143 3.91 -21.71 -14.64
N LEU A 144 5.06 -21.10 -14.42
CA LEU A 144 6.32 -21.75 -14.69
C LEU A 144 6.94 -22.29 -13.42
N ALA A 145 6.88 -23.59 -13.29
CA ALA A 145 7.37 -24.27 -12.10
C ALA A 145 8.56 -25.09 -12.49
N GLY A 146 9.50 -25.26 -11.58
CA GLY A 146 10.69 -26.03 -11.84
C GLY A 146 11.80 -25.63 -10.89
N HIS A 147 11.81 -24.36 -10.48
CA HIS A 147 12.80 -23.95 -9.51
C HIS A 147 12.48 -24.58 -8.20
N THR A 148 13.52 -24.86 -7.40
CA THR A 148 13.30 -25.46 -6.10
C THR A 148 13.56 -24.50 -4.97
N GLY A 149 13.80 -23.26 -5.32
CA GLY A 149 14.03 -22.23 -4.34
C GLY A 149 13.15 -21.08 -4.66
N TYR A 150 13.22 -20.03 -3.89
CA TYR A 150 12.36 -18.90 -4.13
C TYR A 150 12.76 -18.18 -5.36
N LEU A 151 11.81 -17.54 -5.98
CA LEU A 151 12.09 -16.78 -7.17
C LEU A 151 12.51 -15.39 -6.78
N SER A 152 13.74 -15.04 -7.12
CA SER A 152 14.28 -13.76 -6.71
C SER A 152 14.18 -12.69 -7.76
N CYS A 153 14.15 -13.08 -9.03
CA CYS A 153 14.08 -12.10 -10.08
C CYS A 153 13.56 -12.63 -11.41
N CYS A 154 12.68 -11.85 -12.04
CA CYS A 154 12.15 -12.15 -13.37
C CYS A 154 12.45 -11.06 -14.38
N ARG A 155 12.83 -11.44 -15.60
CA ARG A 155 12.96 -10.49 -16.70
C ARG A 155 12.54 -11.09 -18.03
N PHE A 156 11.77 -10.37 -18.82
CA PHE A 156 11.35 -10.89 -20.11
C PHE A 156 12.31 -10.54 -21.19
N LEU A 157 12.55 -11.47 -22.10
CA LEU A 157 13.38 -11.19 -23.25
C LEU A 157 12.44 -10.75 -24.36
N ASP A 158 11.29 -11.42 -24.39
CA ASP A 158 10.24 -11.18 -25.37
C ASP A 158 8.97 -11.81 -24.86
N ASP A 159 7.87 -11.72 -25.59
CA ASP A 159 6.66 -12.31 -25.06
C ASP A 159 6.74 -13.80 -24.78
N ASN A 160 7.59 -14.56 -25.49
CA ASN A 160 7.64 -15.98 -25.21
C ASN A 160 8.82 -16.39 -24.37
N GLN A 161 9.61 -15.47 -23.87
CA GLN A 161 10.76 -15.89 -23.11
C GLN A 161 10.97 -15.07 -21.87
N ILE A 162 11.14 -15.80 -20.78
CA ILE A 162 11.33 -15.18 -19.47
C ILE A 162 12.53 -15.81 -18.81
N VAL A 163 13.36 -14.96 -18.26
CA VAL A 163 14.53 -15.37 -17.54
C VAL A 163 14.27 -15.25 -16.08
N THR A 164 14.53 -16.32 -15.36
CA THR A 164 14.32 -16.26 -13.93
C THR A 164 15.54 -16.63 -13.16
N SER A 165 15.61 -16.16 -11.93
CA SER A 165 16.67 -16.55 -11.01
C SER A 165 16.07 -16.91 -9.69
N SER A 166 16.71 -17.84 -9.00
CA SER A 166 16.16 -18.28 -7.75
C SER A 166 17.16 -18.66 -6.66
N GLY A 167 16.59 -19.01 -5.54
CA GLY A 167 17.27 -19.41 -4.34
C GLY A 167 17.83 -20.82 -4.46
N ASP A 168 17.62 -21.51 -5.58
CA ASP A 168 18.16 -22.84 -5.70
C ASP A 168 19.56 -22.78 -6.31
N THR A 169 20.09 -21.55 -6.44
CA THR A 169 21.40 -21.17 -6.96
C THR A 169 21.46 -21.13 -8.47
N THR A 170 20.38 -21.43 -9.16
CA THR A 170 20.41 -21.38 -10.61
C THR A 170 19.57 -20.27 -11.20
N CYS A 171 19.83 -20.02 -12.48
CA CYS A 171 19.01 -19.15 -13.31
C CYS A 171 18.44 -20.01 -14.42
N ALA A 172 17.34 -19.61 -15.01
CA ALA A 172 16.79 -20.41 -16.07
C ALA A 172 16.10 -19.59 -17.14
N LEU A 173 16.14 -20.12 -18.35
CA LEU A 173 15.43 -19.52 -19.45
C LEU A 173 14.25 -20.38 -19.78
N TRP A 174 13.08 -19.78 -19.76
CA TRP A 174 11.85 -20.50 -19.98
C TRP A 174 11.17 -20.13 -21.26
N ASP A 175 10.54 -21.12 -21.86
CA ASP A 175 9.66 -21.00 -23.00
C ASP A 175 8.26 -20.86 -22.46
N ILE A 176 7.68 -19.67 -22.55
CA ILE A 176 6.41 -19.45 -21.90
C ILE A 176 5.31 -20.30 -22.50
N GLU A 177 5.29 -20.40 -23.82
CA GLU A 177 4.25 -21.16 -24.50
C GLU A 177 4.28 -22.63 -24.18
N THR A 178 5.46 -23.24 -24.07
CA THR A 178 5.43 -24.67 -23.76
C THR A 178 5.43 -24.88 -22.27
N GLY A 179 5.89 -23.89 -21.51
CA GLY A 179 5.95 -23.97 -20.07
C GLY A 179 7.20 -24.66 -19.61
N GLN A 180 8.07 -25.00 -20.54
CA GLN A 180 9.27 -25.71 -20.21
C GLN A 180 10.45 -24.82 -20.05
N GLN A 181 11.35 -25.28 -19.22
CA GLN A 181 12.61 -24.65 -19.04
C GLN A 181 13.46 -25.10 -20.19
N THR A 182 14.11 -24.20 -20.89
CA THR A 182 14.90 -24.65 -22.01
C THR A 182 16.36 -24.62 -21.71
N THR A 183 16.74 -23.73 -20.83
CA THR A 183 18.14 -23.63 -20.45
C THR A 183 18.29 -23.46 -18.96
N THR A 184 19.22 -24.18 -18.37
CA THR A 184 19.51 -23.98 -16.96
C THR A 184 20.91 -23.44 -16.90
N PHE A 185 21.07 -22.37 -16.17
CA PHE A 185 22.34 -21.71 -16.02
C PHE A 185 22.89 -21.98 -14.64
N THR A 186 23.87 -22.85 -14.55
CA THR A 186 24.41 -23.27 -13.27
C THR A 186 25.81 -22.75 -13.07
N GLY A 187 26.29 -22.79 -11.83
CA GLY A 187 27.62 -22.31 -11.52
C GLY A 187 27.69 -21.45 -10.27
N HIS A 188 26.58 -20.86 -9.87
CA HIS A 188 26.57 -20.11 -8.61
C HIS A 188 26.49 -21.12 -7.49
N THR A 189 26.99 -20.73 -6.33
CA THR A 189 26.92 -21.58 -5.17
C THR A 189 25.98 -21.04 -4.12
N GLY A 190 25.63 -19.78 -4.21
CA GLY A 190 24.73 -19.20 -3.24
C GLY A 190 23.43 -18.87 -3.90
N ASP A 191 22.49 -18.37 -3.13
CA ASP A 191 21.19 -18.01 -3.68
C ASP A 191 21.42 -16.94 -4.71
N VAL A 192 20.68 -16.95 -5.82
CA VAL A 192 20.86 -15.88 -6.80
C VAL A 192 19.84 -14.82 -6.51
N MET A 193 20.30 -13.61 -6.33
CA MET A 193 19.48 -12.48 -5.95
C MET A 193 18.95 -11.64 -7.05
N SER A 194 19.71 -11.48 -8.10
CA SER A 194 19.26 -10.58 -9.13
C SER A 194 19.70 -10.92 -10.52
N LEU A 195 18.96 -10.41 -11.49
CA LEU A 195 19.23 -10.49 -12.92
C LEU A 195 19.25 -9.14 -13.55
N SER A 196 20.07 -9.01 -14.56
CA SER A 196 20.09 -7.85 -15.40
C SER A 196 20.28 -8.28 -16.83
N LEU A 197 19.42 -7.82 -17.73
CA LEU A 197 19.57 -8.23 -19.12
C LEU A 197 20.35 -7.21 -19.88
N ALA A 198 21.18 -7.67 -20.79
CA ALA A 198 21.92 -6.79 -21.64
C ALA A 198 20.95 -6.07 -22.53
N PRO A 199 21.26 -4.86 -22.99
CA PRO A 199 20.46 -4.12 -23.95
C PRO A 199 20.07 -4.92 -25.21
N ASP A 200 20.92 -5.84 -25.66
CA ASP A 200 20.62 -6.61 -26.85
C ASP A 200 20.00 -7.97 -26.56
N THR A 201 19.68 -8.26 -25.29
CA THR A 201 19.10 -9.51 -24.80
C THR A 201 20.01 -10.75 -24.86
N ARG A 202 21.23 -10.64 -25.37
CA ARG A 202 22.05 -11.83 -25.54
C ARG A 202 22.80 -12.30 -24.30
N LEU A 203 23.01 -11.41 -23.36
CA LEU A 203 23.72 -11.74 -22.21
C LEU A 203 22.90 -11.34 -21.05
N PHE A 204 23.18 -11.87 -19.89
CA PHE A 204 22.53 -11.45 -18.68
C PHE A 204 23.54 -11.64 -17.61
N VAL A 205 23.50 -10.81 -16.59
CA VAL A 205 24.40 -10.88 -15.49
C VAL A 205 23.59 -11.21 -14.27
N SER A 206 24.01 -12.18 -13.49
CA SER A 206 23.35 -12.57 -12.27
C SER A 206 24.21 -12.29 -11.09
N GLY A 207 23.58 -11.95 -9.97
CA GLY A 207 24.29 -11.71 -8.73
C GLY A 207 23.84 -12.68 -7.70
N ALA A 208 24.75 -13.07 -6.82
CA ALA A 208 24.40 -14.04 -5.79
C ALA A 208 25.07 -13.82 -4.46
N CYS A 209 24.67 -14.65 -3.51
CA CYS A 209 25.17 -14.68 -2.14
C CYS A 209 26.57 -15.27 -2.03
N ASP A 210 27.20 -15.44 -3.17
CA ASP A 210 28.56 -15.89 -3.32
C ASP A 210 29.47 -14.69 -3.33
N ALA A 211 28.87 -13.50 -3.30
CA ALA A 211 29.60 -12.25 -3.39
C ALA A 211 30.36 -12.24 -4.70
N SER A 212 29.65 -12.69 -5.72
CA SER A 212 30.15 -12.74 -7.08
C SER A 212 29.01 -12.57 -8.04
N ALA A 213 29.37 -12.21 -9.25
CA ALA A 213 28.42 -12.04 -10.31
C ALA A 213 28.90 -12.73 -11.55
N LYS A 214 27.98 -13.24 -12.33
CA LYS A 214 28.37 -13.94 -13.52
C LYS A 214 27.71 -13.44 -14.75
N LEU A 215 28.49 -13.39 -15.81
CA LEU A 215 28.00 -13.00 -17.11
C LEU A 215 27.67 -14.25 -17.86
N TRP A 216 26.41 -14.37 -18.27
CA TRP A 216 25.95 -15.57 -18.94
C TRP A 216 25.63 -15.34 -20.39
N ASP A 217 25.96 -16.33 -21.19
CA ASP A 217 25.61 -16.42 -22.59
C ASP A 217 24.28 -17.13 -22.71
N VAL A 218 23.26 -16.37 -23.06
CA VAL A 218 21.90 -16.82 -23.03
C VAL A 218 21.59 -17.94 -23.97
N ARG A 219 22.14 -17.87 -25.16
CA ARG A 219 21.89 -18.88 -26.18
C ARG A 219 22.69 -20.14 -25.91
N GLU A 220 23.89 -19.99 -25.37
CA GLU A 220 24.72 -21.15 -25.07
C GLU A 220 24.38 -21.83 -23.75
N GLY A 221 23.88 -21.09 -22.76
CA GLY A 221 23.63 -21.69 -21.45
C GLY A 221 24.94 -21.81 -20.73
N MET A 222 25.84 -20.87 -21.03
CA MET A 222 27.19 -20.87 -20.52
C MET A 222 27.62 -19.65 -19.74
N CYS A 223 28.38 -19.88 -18.66
CA CYS A 223 28.96 -18.75 -17.96
C CYS A 223 30.20 -18.31 -18.70
N ARG A 224 30.25 -17.04 -19.04
CA ARG A 224 31.37 -16.51 -19.77
C ARG A 224 32.41 -15.89 -18.87
N GLN A 225 31.96 -15.12 -17.89
CA GLN A 225 32.89 -14.41 -16.99
C GLN A 225 32.43 -14.35 -15.54
N THR A 226 33.32 -14.57 -14.59
CA THR A 226 32.96 -14.43 -13.18
C THR A 226 33.65 -13.22 -12.57
N PHE A 227 32.86 -12.36 -11.98
CA PHE A 227 33.33 -11.12 -11.39
C PHE A 227 33.22 -11.18 -9.89
N THR A 228 34.30 -10.86 -9.22
CA THR A 228 34.33 -10.86 -7.78
C THR A 228 34.85 -9.53 -7.30
N GLY A 229 34.70 -9.26 -6.01
CA GLY A 229 35.15 -8.01 -5.42
C GLY A 229 34.33 -7.67 -4.20
N HIS A 230 33.06 -8.03 -4.21
CA HIS A 230 32.24 -7.75 -3.04
C HIS A 230 32.61 -8.59 -1.86
N GLU A 231 32.42 -8.02 -0.66
CA GLU A 231 32.69 -8.77 0.56
C GLU A 231 31.46 -9.50 1.04
N SER A 232 30.34 -9.20 0.45
CA SER A 232 29.10 -9.81 0.88
C SER A 232 28.16 -10.02 -0.26
N ASP A 233 26.97 -10.44 0.09
CA ASP A 233 25.96 -10.82 -0.88
C ASP A 233 25.63 -9.70 -1.82
N ILE A 234 25.46 -10.02 -3.09
CA ILE A 234 25.06 -9.04 -4.06
C ILE A 234 23.56 -9.06 -4.15
N ASN A 235 22.93 -7.93 -3.93
CA ASN A 235 21.49 -7.85 -3.91
C ASN A 235 20.91 -7.26 -5.16
N ALA A 236 21.71 -6.50 -5.88
CA ALA A 236 21.18 -5.84 -7.05
C ALA A 236 22.21 -5.68 -8.13
N ILE A 237 21.77 -5.81 -9.39
CA ILE A 237 22.62 -5.61 -10.55
C ILE A 237 21.88 -4.90 -11.65
N CYS A 238 22.58 -4.06 -12.36
CA CYS A 238 22.04 -3.47 -13.55
C CYS A 238 23.13 -3.28 -14.57
N PHE A 239 22.76 -3.13 -15.83
CA PHE A 239 23.75 -2.82 -16.84
C PHE A 239 23.89 -1.36 -17.14
N PHE A 240 25.12 -0.99 -17.39
CA PHE A 240 25.44 0.31 -17.89
C PHE A 240 24.78 0.33 -19.24
N PRO A 241 24.13 1.39 -19.68
CA PRO A 241 23.38 1.47 -20.92
C PRO A 241 24.02 0.94 -22.20
N ASN A 242 25.33 0.98 -22.38
CA ASN A 242 25.83 0.46 -23.66
C ASN A 242 26.12 -1.03 -23.64
N GLY A 243 25.84 -1.69 -22.52
CA GLY A 243 26.03 -3.12 -22.39
C GLY A 243 27.44 -3.61 -22.06
N ASN A 244 28.40 -2.71 -21.87
CA ASN A 244 29.77 -3.15 -21.59
C ASN A 244 30.17 -3.12 -20.12
N ALA A 245 29.27 -2.79 -19.25
CA ALA A 245 29.58 -2.79 -17.89
C ALA A 245 28.34 -2.93 -17.15
N PHE A 246 28.47 -3.26 -15.90
CA PHE A 246 27.34 -3.46 -15.07
C PHE A 246 27.71 -2.99 -13.72
N ALA A 247 26.73 -2.69 -12.93
CA ALA A 247 27.00 -2.29 -11.60
C ALA A 247 26.28 -3.13 -10.69
N THR A 248 26.87 -3.29 -9.57
CA THR A 248 26.28 -4.22 -8.62
C THR A 248 26.22 -3.55 -7.29
N GLY A 249 25.27 -3.95 -6.46
CA GLY A 249 25.17 -3.44 -5.11
C GLY A 249 25.05 -4.59 -4.14
N SER A 250 25.65 -4.44 -2.98
CA SER A 250 25.68 -5.49 -1.98
C SER A 250 25.45 -5.06 -0.55
N ASP A 251 25.49 -6.04 0.32
CA ASP A 251 25.32 -5.84 1.76
C ASP A 251 26.58 -5.29 2.42
N ASP A 252 27.66 -5.09 1.67
CA ASP A 252 28.87 -4.55 2.26
C ASP A 252 28.79 -3.02 2.18
N ALA A 253 27.63 -2.54 1.74
CA ALA A 253 27.24 -1.15 1.57
C ALA A 253 27.97 -0.44 0.47
N THR A 254 28.51 -1.17 -0.49
CA THR A 254 29.11 -0.50 -1.62
C THR A 254 28.49 -0.92 -2.92
N CYS A 255 28.69 -0.11 -3.95
CA CYS A 255 28.34 -0.50 -5.29
C CYS A 255 29.62 -0.64 -6.04
N ARG A 256 29.65 -1.51 -7.02
CA ARG A 256 30.86 -1.61 -7.80
C ARG A 256 30.54 -1.66 -9.26
N LEU A 257 31.37 -0.99 -10.03
CA LEU A 257 31.28 -0.96 -11.47
C LEU A 257 32.26 -1.93 -12.03
N PHE A 258 31.80 -2.81 -12.92
CA PHE A 258 32.69 -3.77 -13.55
C PHE A 258 32.68 -3.63 -15.05
N ASP A 259 33.84 -3.73 -15.67
CA ASP A 259 33.91 -3.68 -17.13
C ASP A 259 34.06 -5.07 -17.68
N LEU A 260 33.22 -5.41 -18.63
CA LEU A 260 33.18 -6.77 -19.15
C LEU A 260 34.32 -7.10 -20.06
N ARG A 261 34.91 -6.13 -20.72
CA ARG A 261 35.96 -6.46 -21.64
C ARG A 261 37.26 -6.51 -20.88
N ALA A 262 37.34 -5.72 -19.81
CA ALA A 262 38.53 -5.70 -18.98
C ALA A 262 38.51 -6.89 -18.04
N ASP A 263 37.29 -7.37 -17.74
CA ASP A 263 37.05 -8.45 -16.80
C ASP A 263 37.57 -8.02 -15.43
N GLN A 264 37.33 -6.74 -15.13
CA GLN A 264 37.80 -6.13 -13.89
C GLN A 264 36.86 -5.18 -13.21
N GLU A 265 37.02 -5.07 -11.90
CA GLU A 265 36.34 -4.02 -11.19
C GLU A 265 36.97 -2.74 -11.66
N LEU A 266 36.16 -1.79 -12.01
CA LEU A 266 36.61 -0.51 -12.54
C LEU A 266 36.50 0.64 -11.52
N MET A 267 35.44 0.62 -10.71
CA MET A 267 35.20 1.66 -9.69
C MET A 267 34.33 1.25 -8.51
N THR A 268 34.65 1.77 -7.32
CA THR A 268 33.84 1.50 -6.11
C THR A 268 33.14 2.76 -5.63
N TYR A 269 31.86 2.61 -5.36
CA TYR A 269 31.06 3.72 -4.89
C TYR A 269 30.74 3.48 -3.45
N SER A 270 31.36 4.23 -2.58
CA SER A 270 31.19 4.01 -1.15
C SER A 270 31.37 5.27 -0.38
N HIS A 271 30.98 5.24 0.87
CA HIS A 271 31.13 6.40 1.73
C HIS A 271 31.24 5.93 3.16
N ASP A 272 32.01 6.63 3.95
CA ASP A 272 32.20 6.28 5.36
C ASP A 272 30.93 6.31 6.18
N ASN A 273 29.96 7.12 5.80
CA ASN A 273 28.75 7.20 6.57
C ASN A 273 27.69 6.22 6.13
N ILE A 274 27.99 5.34 5.18
CA ILE A 274 26.97 4.40 4.77
C ILE A 274 27.34 3.02 5.24
N ILE A 275 26.52 2.46 6.12
CA ILE A 275 26.77 1.12 6.63
C ILE A 275 25.59 0.22 6.32
N CYS A 276 24.76 0.74 5.46
CA CYS A 276 23.54 0.10 5.01
C CYS A 276 23.71 -0.68 3.76
N GLY A 277 22.96 -1.75 3.60
CA GLY A 277 23.08 -2.50 2.40
C GLY A 277 22.37 -1.79 1.28
N ILE A 278 22.69 -2.22 0.09
CA ILE A 278 22.10 -1.71 -1.11
C ILE A 278 21.08 -2.68 -1.60
N THR A 279 19.90 -2.20 -1.83
CA THR A 279 18.83 -3.07 -2.24
C THR A 279 18.53 -2.96 -3.71
N SER A 280 18.92 -1.86 -4.33
CA SER A 280 18.61 -1.67 -5.73
C SER A 280 19.57 -0.75 -6.42
N VAL A 281 19.92 -1.03 -7.67
CA VAL A 281 20.76 -0.12 -8.43
C VAL A 281 20.18 0.11 -9.81
N SER A 282 20.43 1.30 -10.37
CA SER A 282 20.01 1.62 -11.73
C SER A 282 20.83 2.73 -12.34
N PHE A 283 20.83 2.84 -13.66
CA PHE A 283 21.52 3.94 -14.31
C PHE A 283 20.61 4.87 -15.07
N SER A 284 21.03 6.12 -15.19
CA SER A 284 20.35 7.11 -16.01
C SER A 284 20.69 6.83 -17.48
N LYS A 285 20.00 7.43 -18.46
CA LYS A 285 20.33 7.10 -19.85
C LYS A 285 21.75 7.28 -20.32
N SER A 286 22.42 8.33 -19.90
CA SER A 286 23.78 8.52 -20.39
C SER A 286 24.73 7.61 -19.68
N GLY A 287 24.28 7.01 -18.59
CA GLY A 287 25.10 6.18 -17.76
C GLY A 287 25.91 7.00 -16.79
N ARG A 288 25.75 8.33 -16.83
CA ARG A 288 26.51 9.20 -15.97
C ARG A 288 26.07 9.10 -14.55
N LEU A 289 24.80 8.89 -14.30
CA LEU A 289 24.39 8.80 -12.93
C LEU A 289 24.05 7.38 -12.59
N LEU A 290 24.47 6.98 -11.41
CA LEU A 290 24.16 5.68 -10.84
C LEU A 290 23.30 5.90 -9.63
N LEU A 291 22.19 5.23 -9.58
CA LEU A 291 21.32 5.44 -8.46
C LEU A 291 21.29 4.20 -7.64
N ALA A 292 21.25 4.34 -6.33
CA ALA A 292 21.15 3.16 -5.51
C ALA A 292 20.25 3.35 -4.33
N GLY A 293 19.44 2.36 -4.07
CA GLY A 293 18.55 2.39 -2.92
C GLY A 293 19.23 1.69 -1.78
N TYR A 294 19.09 2.26 -0.59
CA TYR A 294 19.70 1.74 0.62
C TYR A 294 18.75 1.42 1.76
N ASP A 295 19.30 0.65 2.69
CA ASP A 295 18.59 0.26 3.90
C ASP A 295 18.30 1.44 4.84
N ASP A 296 18.93 2.62 4.60
CA ASP A 296 18.73 3.79 5.46
C ASP A 296 17.55 4.63 5.00
N PHE A 297 16.78 4.10 4.07
CA PHE A 297 15.57 4.67 3.50
C PHE A 297 15.84 5.76 2.49
N ASN A 298 17.09 5.97 2.15
CA ASN A 298 17.46 6.93 1.13
C ASN A 298 17.88 6.27 -0.15
N CYS A 299 17.78 7.02 -1.23
CA CYS A 299 18.40 6.63 -2.48
C CYS A 299 19.53 7.59 -2.80
N ASN A 300 20.71 7.09 -3.03
CA ASN A 300 21.79 8.01 -3.37
C ASN A 300 21.97 8.07 -4.84
N VAL A 301 22.36 9.23 -5.31
CA VAL A 301 22.67 9.40 -6.70
C VAL A 301 24.15 9.65 -6.79
N TRP A 302 24.83 8.76 -7.47
CA TRP A 302 26.25 8.81 -7.62
C TRP A 302 26.68 9.29 -8.98
N ASP A 303 27.76 10.03 -9.01
CA ASP A 303 28.34 10.43 -10.27
C ASP A 303 29.18 9.25 -10.64
N ALA A 304 28.70 8.50 -11.62
CA ALA A 304 29.22 7.20 -11.99
C ALA A 304 30.63 7.24 -12.51
N LEU A 305 31.11 8.39 -12.95
CA LEU A 305 32.46 8.43 -13.47
C LEU A 305 33.47 8.93 -12.45
N LYS A 306 32.99 9.30 -11.26
CA LYS A 306 33.87 9.84 -10.22
C LYS A 306 33.69 9.16 -8.88
N ALA A 307 32.55 8.53 -8.70
CA ALA A 307 32.07 7.98 -7.44
C ALA A 307 31.85 9.06 -6.41
N ASP A 308 31.28 10.15 -6.86
CA ASP A 308 30.93 11.24 -5.95
C ASP A 308 29.47 11.15 -5.65
N ARG A 309 29.01 11.66 -4.54
CA ARG A 309 27.57 11.64 -4.35
C ARG A 309 27.02 12.91 -4.95
N ALA A 310 26.23 12.76 -6.00
CA ALA A 310 25.66 13.86 -6.73
C ALA A 310 24.43 14.38 -6.03
N GLY A 311 23.75 13.51 -5.31
CA GLY A 311 22.55 13.95 -4.63
C GLY A 311 21.86 12.84 -3.87
N VAL A 312 20.81 13.18 -3.15
CA VAL A 312 20.08 12.21 -2.35
C VAL A 312 18.60 12.31 -2.58
N LEU A 313 17.94 11.20 -2.80
CA LEU A 313 16.51 11.25 -2.91
C LEU A 313 16.00 10.77 -1.57
N ALA A 314 15.53 11.69 -0.75
CA ALA A 314 15.07 11.35 0.58
C ALA A 314 13.59 11.43 0.54
N GLY A 315 12.89 10.68 1.35
CA GLY A 315 11.46 10.77 1.25
C GLY A 315 10.74 9.49 1.58
N HIS A 316 11.46 8.41 1.82
CA HIS A 316 10.81 7.19 2.24
C HIS A 316 10.96 7.02 3.73
N ASP A 317 9.96 6.39 4.36
CA ASP A 317 9.99 6.14 5.79
C ASP A 317 10.45 4.76 6.15
N ASN A 318 10.86 4.01 5.15
CA ASN A 318 11.33 2.68 5.35
C ASN A 318 12.30 2.32 4.25
N ARG A 319 12.80 1.12 4.31
CA ARG A 319 13.81 0.61 3.43
C ARG A 319 13.43 0.81 2.00
N VAL A 320 14.34 1.33 1.16
CA VAL A 320 13.99 1.48 -0.24
C VAL A 320 14.17 0.11 -0.80
N SER A 321 13.16 -0.45 -1.41
CA SER A 321 13.25 -1.80 -1.88
C SER A 321 13.52 -1.92 -3.35
N CYS A 322 13.21 -0.87 -4.09
CA CYS A 322 13.39 -0.94 -5.52
C CYS A 322 13.46 0.39 -6.23
N LEU A 323 14.31 0.45 -7.24
CA LEU A 323 14.41 1.61 -8.10
C LEU A 323 14.11 1.26 -9.53
N GLY A 324 13.61 2.23 -10.26
CA GLY A 324 13.50 2.07 -11.68
C GLY A 324 13.66 3.39 -12.38
N VAL A 325 14.21 3.36 -13.58
CA VAL A 325 14.38 4.55 -14.37
C VAL A 325 13.65 4.28 -15.65
N THR A 326 12.92 5.26 -16.16
CA THR A 326 12.18 5.06 -17.39
C THR A 326 13.10 4.94 -18.58
N ASP A 327 12.62 4.36 -19.67
CA ASP A 327 13.47 4.19 -20.86
C ASP A 327 13.86 5.49 -21.52
N ASP A 328 13.04 6.51 -21.40
CA ASP A 328 13.37 7.79 -21.99
C ASP A 328 14.15 8.66 -21.03
N GLY A 329 14.42 8.13 -19.84
CA GLY A 329 15.20 8.80 -18.82
C GLY A 329 14.43 9.85 -18.05
N MET A 330 13.18 10.06 -18.36
CA MET A 330 12.48 11.16 -17.72
C MET A 330 12.28 11.05 -16.25
N ALA A 331 12.14 9.87 -15.71
CA ALA A 331 11.86 9.81 -14.30
C ALA A 331 12.41 8.60 -13.62
N VAL A 332 12.56 8.77 -12.32
CA VAL A 332 13.01 7.73 -11.43
C VAL A 332 11.92 7.36 -10.48
N ALA A 333 11.62 6.10 -10.37
CA ALA A 333 10.63 5.72 -9.41
C ALA A 333 11.33 4.98 -8.31
N THR A 334 10.90 5.21 -7.09
CA THR A 334 11.45 4.48 -5.96
C THR A 334 10.30 3.85 -5.23
N GLY A 335 10.50 2.66 -4.74
CA GLY A 335 9.46 2.00 -3.96
C GLY A 335 10.05 1.56 -2.67
N SER A 336 9.21 1.42 -1.67
CA SER A 336 9.74 1.04 -0.39
C SER A 336 8.82 0.26 0.49
N TRP A 337 9.38 -0.09 1.61
CA TRP A 337 8.68 -0.81 2.63
C TRP A 337 7.67 0.03 3.39
N ASP A 338 7.58 1.34 3.08
CA ASP A 338 6.61 2.19 3.74
C ASP A 338 5.27 2.15 3.02
N SER A 339 5.18 1.29 2.00
CA SER A 339 4.03 1.02 1.14
C SER A 339 3.77 2.02 0.04
N PHE A 340 4.68 2.97 -0.18
CA PHE A 340 4.49 3.92 -1.25
C PHE A 340 5.51 3.84 -2.36
N LEU A 341 5.09 4.30 -3.53
CA LEU A 341 6.02 4.50 -4.64
C LEU A 341 6.12 5.98 -4.88
N LYS A 342 7.28 6.48 -5.20
CA LYS A 342 7.39 7.88 -5.52
C LYS A 342 8.09 8.06 -6.82
N ILE A 343 7.65 9.04 -7.59
CA ILE A 343 8.29 9.35 -8.85
C ILE A 343 8.97 10.66 -8.74
N TRP A 344 10.25 10.63 -9.02
CA TRP A 344 11.16 11.74 -8.91
C TRP A 344 11.63 12.27 -10.26
N ASN A 345 11.80 13.61 -10.36
CA ASN A 345 12.33 14.31 -11.56
C ASN A 345 13.26 15.47 -11.18
N ASN B 4 34.13 -42.98 -3.91
CA ASN B 4 33.31 -41.82 -4.21
C ASN B 4 34.17 -40.85 -5.06
N THR B 5 33.70 -40.57 -6.30
CA THR B 5 34.35 -39.72 -7.31
C THR B 5 33.63 -38.38 -7.49
N ALA B 6 32.65 -38.08 -6.63
CA ALA B 6 31.89 -36.83 -6.79
C ALA B 6 32.80 -35.62 -6.73
N SER B 7 33.82 -35.68 -5.89
CA SER B 7 34.75 -34.59 -5.70
C SER B 7 35.65 -34.39 -6.91
N ILE B 8 35.77 -35.42 -7.76
CA ILE B 8 36.61 -35.34 -8.94
C ILE B 8 35.79 -34.59 -9.96
N ALA B 9 34.51 -34.97 -10.07
CA ALA B 9 33.62 -34.28 -10.99
C ALA B 9 33.51 -32.81 -10.61
N GLN B 10 33.49 -32.50 -9.31
CA GLN B 10 33.41 -31.12 -8.88
C GLN B 10 34.68 -30.38 -9.24
N ALA B 11 35.84 -31.02 -9.05
CA ALA B 11 37.10 -30.41 -9.41
C ALA B 11 37.14 -30.17 -10.92
N ARG B 12 36.58 -31.11 -11.70
CA ARG B 12 36.56 -30.98 -13.14
C ARG B 12 35.72 -29.80 -13.56
N LYS B 13 34.54 -29.63 -12.96
CA LYS B 13 33.71 -28.51 -13.35
C LYS B 13 34.43 -27.20 -13.09
N LEU B 14 35.14 -27.11 -11.96
CA LEU B 14 35.87 -25.90 -11.66
C LEU B 14 36.98 -25.67 -12.67
N VAL B 15 37.72 -26.72 -13.01
CA VAL B 15 38.78 -26.58 -13.97
C VAL B 15 38.29 -26.19 -15.35
N GLU B 16 37.22 -26.82 -15.83
CA GLU B 16 36.75 -26.49 -17.16
C GLU B 16 36.27 -25.06 -17.23
N GLN B 17 35.57 -24.59 -16.19
CA GLN B 17 35.11 -23.22 -16.22
C GLN B 17 36.27 -22.25 -16.13
N LEU B 18 37.27 -22.56 -15.31
CA LEU B 18 38.39 -21.67 -15.21
C LEU B 18 39.20 -21.66 -16.51
N LYS B 19 39.35 -22.80 -17.20
CA LYS B 19 40.08 -22.75 -18.46
C LYS B 19 39.36 -21.87 -19.46
N MET B 20 38.03 -21.96 -19.50
CA MET B 20 37.28 -21.15 -20.43
C MET B 20 37.39 -19.66 -20.09
N GLU B 21 37.45 -19.32 -18.80
CA GLU B 21 37.61 -17.92 -18.44
C GLU B 21 39.06 -17.45 -18.57
N ALA B 22 40.03 -18.35 -18.43
CA ALA B 22 41.40 -17.95 -18.58
C ALA B 22 41.63 -17.49 -20.03
N ASN B 23 40.97 -18.15 -20.98
CA ASN B 23 41.14 -17.81 -22.39
C ASN B 23 40.24 -16.68 -22.89
N ILE B 24 40.44 -15.50 -22.33
CA ILE B 24 39.72 -14.29 -22.68
C ILE B 24 40.65 -13.17 -23.11
N ASP B 25 40.34 -12.56 -24.24
CA ASP B 25 41.14 -11.44 -24.72
C ASP B 25 40.66 -10.21 -23.95
N ARG B 26 41.45 -9.78 -22.97
CA ARG B 26 41.05 -8.70 -22.08
C ARG B 26 41.55 -7.34 -22.59
N ILE B 27 40.70 -6.35 -22.48
CA ILE B 27 41.01 -5.00 -22.91
C ILE B 27 41.71 -4.30 -21.75
N LYS B 28 42.60 -3.37 -22.06
CA LYS B 28 43.27 -2.61 -21.02
C LYS B 28 42.25 -1.70 -20.36
N VAL B 29 42.39 -1.47 -19.06
CA VAL B 29 41.45 -0.59 -18.37
C VAL B 29 41.49 0.81 -18.88
N SER B 30 42.65 1.39 -19.18
CA SER B 30 42.61 2.77 -19.65
C SER B 30 41.66 2.90 -20.83
N LYS B 31 41.70 1.97 -21.77
CA LYS B 31 40.79 2.02 -22.89
C LYS B 31 39.37 1.78 -22.45
N ALA B 32 39.15 0.79 -21.58
CA ALA B 32 37.80 0.49 -21.18
C ALA B 32 37.14 1.66 -20.49
N ALA B 33 37.91 2.33 -19.65
CA ALA B 33 37.43 3.44 -18.90
C ALA B 33 37.12 4.62 -19.81
N ALA B 34 37.97 4.84 -20.81
CA ALA B 34 37.76 5.91 -21.76
C ALA B 34 36.52 5.68 -22.60
N ASP B 35 36.24 4.43 -22.94
CA ASP B 35 35.04 4.20 -23.73
C ASP B 35 33.79 4.39 -22.90
N LEU B 36 33.85 4.02 -21.64
CA LEU B 36 32.69 4.16 -20.78
C LEU B 36 32.35 5.65 -20.67
N MET B 37 33.41 6.43 -20.51
CA MET B 37 33.36 7.88 -20.41
C MET B 37 32.78 8.52 -21.65
N ALA B 38 33.27 8.11 -22.81
CA ALA B 38 32.83 8.67 -24.07
C ALA B 38 31.35 8.44 -24.28
N TYR B 39 30.84 7.28 -23.87
CA TYR B 39 29.43 7.03 -24.01
C TYR B 39 28.67 8.08 -23.24
N CYS B 40 29.08 8.31 -22.00
CA CYS B 40 28.38 9.28 -21.18
C CYS B 40 28.40 10.66 -21.78
N GLU B 41 29.53 11.08 -22.35
CA GLU B 41 29.53 12.40 -22.94
C GLU B 41 28.63 12.48 -24.16
N ALA B 42 28.68 11.46 -25.01
CA ALA B 42 27.92 11.48 -26.24
C ALA B 42 26.44 11.58 -26.02
N HIS B 43 25.95 10.94 -24.98
CA HIS B 43 24.55 10.92 -24.70
C HIS B 43 24.15 11.84 -23.56
N ALA B 44 25.03 12.73 -23.15
CA ALA B 44 24.73 13.58 -22.00
C ALA B 44 23.52 14.45 -22.22
N LYS B 45 23.33 14.93 -23.43
CA LYS B 45 22.26 15.87 -23.69
C LYS B 45 20.93 15.19 -23.86
N GLU B 46 20.95 13.88 -23.90
CA GLU B 46 19.75 13.12 -24.07
C GLU B 46 19.21 12.71 -22.71
N ASP B 47 19.98 12.97 -21.64
CA ASP B 47 19.61 12.47 -20.34
C ASP B 47 19.04 13.54 -19.40
N PRO B 48 17.72 13.58 -19.21
CA PRO B 48 16.99 14.59 -18.50
C PRO B 48 17.20 14.56 -16.99
N LEU B 49 17.88 13.54 -16.44
CA LEU B 49 18.05 13.54 -14.99
C LEU B 49 19.37 14.20 -14.68
N LEU B 50 20.11 14.47 -15.71
CA LEU B 50 21.42 15.06 -15.63
C LEU B 50 21.32 16.50 -16.08
N THR B 51 20.52 16.72 -17.14
CA THR B 51 20.28 18.01 -17.75
C THR B 51 18.77 18.23 -17.77
N PRO B 52 18.17 18.72 -16.67
CA PRO B 52 16.74 18.80 -16.46
C PRO B 52 16.00 19.51 -17.56
N VAL B 53 14.84 18.97 -17.85
CA VAL B 53 13.90 19.39 -18.85
C VAL B 53 12.96 20.50 -18.36
N PRO B 54 12.77 21.59 -19.13
CA PRO B 54 11.88 22.70 -18.81
C PRO B 54 10.53 22.12 -18.52
N ALA B 55 9.80 22.71 -17.59
CA ALA B 55 8.52 22.13 -17.19
C ALA B 55 7.57 21.91 -18.35
N SER B 56 7.58 22.76 -19.37
CA SER B 56 6.64 22.59 -20.46
C SER B 56 6.85 21.29 -21.26
N GLU B 57 8.02 20.68 -21.14
CA GLU B 57 8.35 19.45 -21.83
C GLU B 57 8.41 18.25 -20.85
N ASN B 58 8.07 18.50 -19.60
CA ASN B 58 8.18 17.50 -18.56
C ASN B 58 6.80 16.90 -18.22
N PRO B 59 6.52 15.63 -18.54
CA PRO B 59 5.24 14.98 -18.38
C PRO B 59 4.82 14.85 -16.95
N PHE B 60 5.77 15.05 -16.04
CA PHE B 60 5.47 14.98 -14.62
C PHE B 60 5.35 16.38 -13.94
N ARG B 61 5.33 17.50 -14.74
CA ARG B 61 5.21 18.91 -14.31
C ARG B 61 6.41 19.31 -13.46
N GLY C 1 -30.25 41.79 42.69
CA GLY C 1 -30.68 41.30 43.98
C GLY C 1 -29.56 40.58 44.68
N CYS C 2 -28.34 41.11 44.60
CA CYS C 2 -27.20 40.52 45.32
C CYS C 2 -26.03 41.43 45.34
N HIS C 3 -24.99 40.99 46.01
CA HIS C 3 -23.78 41.74 46.05
C HIS C 3 -22.82 40.65 46.23
N VAL C 4 -21.99 40.40 45.24
CA VAL C 4 -21.11 39.27 45.33
C VAL C 4 -19.78 39.62 45.95
N ASP C 5 -19.06 38.62 46.43
CA ASP C 5 -17.73 38.86 46.98
C ASP C 5 -16.72 38.41 45.96
N SER C 6 -16.18 39.38 45.26
CA SER C 6 -15.31 39.23 44.12
C SER C 6 -13.85 39.57 44.42
N ARG C 7 -13.47 39.56 45.70
CA ARG C 7 -12.12 39.95 46.14
C ARG C 7 -10.97 39.28 45.40
N VAL C 8 -11.10 38.02 45.00
CA VAL C 8 -9.99 37.35 44.34
C VAL C 8 -10.28 37.02 42.88
N ASP C 9 -11.36 37.53 42.32
CA ASP C 9 -11.74 37.15 40.96
C ASP C 9 -10.86 37.75 39.88
N HIS C 10 -10.22 38.86 40.15
CA HIS C 10 -9.32 39.45 39.19
C HIS C 10 -7.94 38.85 39.33
N LEU C 11 -7.77 37.93 40.29
CA LEU C 11 -6.46 37.37 40.50
C LEU C 11 -6.38 35.92 40.07
N PHE C 12 -7.16 35.06 40.70
CA PHE C 12 -6.99 33.65 40.38
C PHE C 12 -7.38 33.27 38.96
N PRO C 13 -8.60 33.52 38.46
CA PRO C 13 -8.96 33.21 37.11
C PRO C 13 -7.93 33.64 36.05
N PRO C 14 -7.50 34.92 35.93
CA PRO C 14 -6.53 35.29 34.93
C PRO C 14 -5.19 34.61 35.16
N SER C 15 -4.86 34.21 36.39
CA SER C 15 -3.60 33.53 36.58
C SER C 15 -3.64 32.17 35.89
N LEU C 16 -4.73 31.42 36.12
CA LEU C 16 -4.77 30.13 35.46
C LEU C 16 -4.93 30.27 33.99
N TYR C 17 -5.68 31.27 33.55
CA TYR C 17 -5.93 31.40 32.15
C TYR C 17 -4.67 31.76 31.39
N ILE C 18 -3.80 32.59 31.96
CA ILE C 18 -2.59 32.88 31.23
C ILE C 18 -1.81 31.60 31.06
N PHE C 19 -1.72 30.80 32.11
CA PHE C 19 -1.06 29.50 32.04
C PHE C 19 -1.68 28.60 31.00
N VAL C 20 -3.00 28.45 31.04
CA VAL C 20 -3.65 27.57 30.11
C VAL C 20 -3.47 28.00 28.68
N ILE C 21 -3.56 29.28 28.38
CA ILE C 21 -3.40 29.69 26.99
C ILE C 21 -1.96 29.49 26.54
N GLY C 22 -1.00 29.96 27.32
CA GLY C 22 0.40 29.82 26.94
C GLY C 22 0.87 28.38 26.77
N VAL C 23 0.35 27.47 27.59
CA VAL C 23 0.73 26.08 27.48
C VAL C 23 -0.16 25.31 26.56
N GLY C 24 -1.45 25.49 26.72
CA GLY C 24 -2.46 24.79 25.98
C GLY C 24 -2.41 25.05 24.48
N LEU C 25 -2.06 26.26 24.02
CA LEU C 25 -2.06 26.41 22.58
C LEU C 25 -1.11 25.44 21.87
N PRO C 26 0.21 25.40 22.13
CA PRO C 26 1.08 24.42 21.54
C PRO C 26 0.85 23.00 22.04
N THR C 27 0.31 22.83 23.24
CA THR C 27 0.10 21.48 23.72
C THR C 27 -1.02 20.82 22.93
N ASN C 28 -2.11 21.56 22.69
CA ASN C 28 -3.21 21.02 21.93
C ASN C 28 -2.85 20.95 20.46
N CYS C 29 -2.00 21.86 19.97
CA CYS C 29 -1.64 21.75 18.57
C CYS C 29 -0.85 20.47 18.33
N LEU C 30 0.05 20.11 19.26
CA LEU C 30 0.78 18.88 19.08
C LEU C 30 -0.19 17.74 19.14
N ALA C 31 -1.19 17.84 20.02
CA ALA C 31 -2.16 16.78 20.11
C ALA C 31 -2.93 16.64 18.82
N LEU C 32 -3.28 17.74 18.14
CA LEU C 32 -3.99 17.61 16.86
C LEU C 32 -3.13 16.94 15.84
N TRP C 33 -1.86 17.30 15.81
CA TRP C 33 -0.98 16.69 14.85
C TRP C 33 -0.85 15.20 15.12
N ALA C 34 -0.65 14.83 16.38
CA ALA C 34 -0.50 13.43 16.70
C ALA C 34 -1.75 12.67 16.41
N ALA C 35 -2.89 13.24 16.74
CA ALA C 35 -4.12 12.56 16.49
C ALA C 35 -4.32 12.39 15.01
N TYR C 36 -3.91 13.38 14.23
CA TYR C 36 -3.99 13.33 12.78
C TYR C 36 -3.20 12.17 12.23
N ARG C 37 -1.96 12.00 12.69
CA ARG C 37 -1.19 10.88 12.19
C ARG C 37 -1.85 9.62 12.54
N GLN C 38 -2.47 9.54 13.69
CA GLN C 38 -3.12 8.30 14.00
C GLN C 38 -4.31 8.04 13.05
N VAL C 39 -5.08 9.07 12.66
CA VAL C 39 -6.21 8.84 11.76
C VAL C 39 -5.74 8.36 10.41
N GLN C 40 -4.68 8.94 9.88
CA GLN C 40 -4.22 8.52 8.56
C GLN C 40 -3.63 7.11 8.56
N GLN C 41 -3.41 6.52 9.74
CA GLN C 41 -2.88 5.18 9.90
C GLN C 41 -4.03 4.26 10.18
N ARG C 42 -5.22 4.79 10.05
CA ARG C 42 -6.50 4.16 10.26
C ARG C 42 -6.77 3.76 11.69
N ASN C 43 -6.22 4.52 12.63
CA ASN C 43 -6.61 4.35 14.02
C ASN C 43 -7.81 5.26 14.26
N GLU C 44 -9.00 4.75 14.47
CA GLU C 44 -10.11 5.58 14.81
C GLU C 44 -9.85 6.51 15.96
N LEU C 45 -9.16 6.15 17.03
CA LEU C 45 -8.98 7.00 18.16
C LEU C 45 -8.17 8.16 17.80
N GLY C 46 -7.86 8.40 16.57
CA GLY C 46 -7.35 9.66 16.14
C GLY C 46 -8.53 10.58 15.80
N VAL C 47 -9.71 10.01 15.54
CA VAL C 47 -10.85 10.84 15.24
C VAL C 47 -11.30 11.47 16.50
N TYR C 48 -11.37 10.67 17.54
CA TYR C 48 -11.87 11.22 18.79
C TYR C 48 -10.84 12.12 19.41
N LEU C 49 -9.58 11.82 19.22
CA LEU C 49 -8.57 12.67 19.75
C LEU C 49 -8.51 13.99 19.02
N MET C 50 -8.69 14.03 17.70
CA MET C 50 -8.66 15.36 17.09
C MET C 50 -9.86 16.19 17.52
N ASN C 51 -11.01 15.55 17.75
CA ASN C 51 -12.15 16.32 18.18
C ASN C 51 -11.98 16.79 19.61
N LEU C 52 -11.32 16.00 20.46
CA LEU C 52 -11.07 16.42 21.82
C LEU C 52 -10.12 17.59 21.79
N SER C 53 -9.06 17.48 20.99
CA SER C 53 -8.07 18.51 20.93
C SER C 53 -8.58 19.77 20.31
N ILE C 54 -9.45 19.70 19.30
CA ILE C 54 -9.93 20.95 18.74
C ILE C 54 -10.90 21.59 19.72
N ALA C 55 -11.71 20.82 20.44
CA ALA C 55 -12.61 21.42 21.41
C ALA C 55 -11.81 22.18 22.45
N ASP C 56 -10.68 21.64 22.88
CA ASP C 56 -9.86 22.34 23.85
C ASP C 56 -9.15 23.51 23.24
N LEU C 57 -8.71 23.37 22.00
CA LEU C 57 -7.99 24.46 21.40
C LEU C 57 -8.96 25.64 21.20
N LEU C 58 -10.21 25.33 20.85
CA LEU C 58 -11.25 26.34 20.67
C LEU C 58 -11.57 27.02 21.98
N TYR C 59 -11.65 26.24 23.06
CA TYR C 59 -11.90 26.81 24.38
C TYR C 59 -10.84 27.83 24.64
N ILE C 60 -9.61 27.46 24.38
CA ILE C 60 -8.52 28.36 24.61
C ILE C 60 -8.65 29.59 23.74
N CYS C 61 -9.06 29.44 22.51
CA CYS C 61 -9.21 30.59 21.64
C CYS C 61 -10.20 31.63 22.19
N THR C 62 -11.28 31.20 22.85
CA THR C 62 -12.24 32.16 23.44
C THR C 62 -11.75 32.70 24.78
N LEU C 63 -11.02 31.89 25.48
CA LEU C 63 -10.57 32.18 26.78
C LEU C 63 -9.92 33.55 27.03
N PRO C 64 -9.05 34.13 26.18
CA PRO C 64 -8.47 35.43 26.48
C PRO C 64 -9.54 36.52 26.63
N LEU C 65 -10.72 36.37 26.03
CA LEU C 65 -11.70 37.40 26.23
C LEU C 65 -12.21 37.27 27.60
N TRP C 66 -12.30 36.02 28.04
CA TRP C 66 -12.83 35.81 29.36
C TRP C 66 -11.80 36.32 30.38
N VAL C 67 -10.52 36.34 30.00
CA VAL C 67 -9.53 36.87 30.90
C VAL C 67 -9.82 38.33 31.11
N ASP C 68 -10.18 39.01 30.08
CA ASP C 68 -10.48 40.39 30.29
C ASP C 68 -11.60 40.48 31.22
N TYR C 69 -12.69 39.80 30.89
CA TYR C 69 -13.92 39.90 31.69
C TYR C 69 -13.60 39.89 33.16
N PHE C 70 -12.81 38.92 33.58
CA PHE C 70 -12.45 38.82 34.98
C PHE C 70 -11.54 39.90 35.46
N LEU C 71 -10.56 40.26 34.64
CA LEU C 71 -9.60 41.22 35.13
C LEU C 71 -10.22 42.59 35.36
N HIS C 72 -11.05 43.06 34.40
CA HIS C 72 -11.69 44.38 34.49
C HIS C 72 -12.60 44.36 35.62
N HIS C 73 -12.90 43.18 36.14
CA HIS C 73 -13.73 43.03 37.31
C HIS C 73 -15.08 42.57 36.90
N ASP C 74 -15.16 41.53 36.11
CA ASP C 74 -16.43 40.89 35.76
C ASP C 74 -17.29 41.86 34.96
N ASN C 75 -16.68 42.48 33.98
CA ASN C 75 -17.35 43.41 33.09
C ASN C 75 -17.00 43.09 31.65
N TRP C 76 -18.00 42.67 30.86
CA TRP C 76 -17.74 42.22 29.49
C TRP C 76 -17.62 43.30 28.44
N ILE C 77 -17.37 44.54 28.87
CA ILE C 77 -17.12 45.63 27.95
C ILE C 77 -17.01 45.05 26.62
N HIS C 78 -18.14 44.82 26.00
CA HIS C 78 -18.16 44.17 24.75
C HIS C 78 -19.62 44.07 24.86
N GLY C 79 -20.30 44.14 23.76
CA GLY C 79 -21.75 44.18 23.85
C GLY C 79 -22.25 42.74 23.90
N PRO C 80 -23.59 42.54 23.97
CA PRO C 80 -24.27 41.26 24.14
C PRO C 80 -24.10 40.23 23.05
N GLY C 81 -23.82 40.66 21.82
CA GLY C 81 -23.68 39.69 20.75
C GLY C 81 -22.51 38.78 21.03
N SER C 82 -21.51 39.34 21.72
CA SER C 82 -20.34 38.58 22.00
C SER C 82 -20.48 37.68 23.22
N CYS C 83 -21.52 37.84 24.12
CA CYS C 83 -21.71 36.94 25.25
C CYS C 83 -22.19 35.63 24.66
N LYS C 84 -23.20 35.74 23.82
CA LYS C 84 -23.71 34.52 23.31
C LYS C 84 -22.64 33.77 22.60
N LEU C 85 -21.83 34.43 21.80
CA LEU C 85 -20.83 33.62 21.15
C LEU C 85 -19.74 33.12 22.05
N PHE C 86 -19.04 33.97 22.73
CA PHE C 86 -17.93 33.44 23.46
C PHE C 86 -18.32 32.63 24.64
N GLY C 87 -19.28 33.04 25.43
CA GLY C 87 -19.52 32.27 26.60
C GLY C 87 -20.18 30.98 26.23
N PHE C 88 -20.91 30.94 25.12
CA PHE C 88 -21.48 29.68 24.74
C PHE C 88 -20.35 28.73 24.55
N ILE C 89 -19.27 29.14 23.91
CA ILE C 89 -18.13 28.26 23.78
C ILE C 89 -17.46 28.05 25.13
N PHE C 90 -17.38 29.05 25.98
CA PHE C 90 -16.72 28.90 27.24
C PHE C 90 -17.42 27.90 28.09
N TYR C 91 -18.72 27.96 28.24
CA TYR C 91 -19.36 27.03 29.12
C TYR C 91 -19.82 25.77 28.42
N THR C 92 -19.75 25.63 27.10
CA THR C 92 -20.22 24.39 26.54
C THR C 92 -19.05 23.49 26.21
N ASN C 93 -17.87 24.03 25.96
CA ASN C 93 -16.75 23.15 25.61
C ASN C 93 -16.33 22.27 26.76
N ILE C 94 -16.80 22.56 27.94
CA ILE C 94 -16.54 21.70 29.04
C ILE C 94 -17.20 20.35 28.75
N TYR C 95 -18.42 20.39 28.23
CA TYR C 95 -19.18 19.19 28.00
C TYR C 95 -18.78 18.55 26.71
N ILE C 96 -18.29 19.34 25.79
CA ILE C 96 -17.84 18.72 24.56
C ILE C 96 -16.62 17.88 24.89
N SER C 97 -15.67 18.41 25.67
CA SER C 97 -14.49 17.64 25.98
C SER C 97 -14.84 16.43 26.80
N ILE C 98 -15.79 16.54 27.73
CA ILE C 98 -16.15 15.37 28.51
C ILE C 98 -16.74 14.32 27.58
N ALA C 99 -17.61 14.70 26.67
CA ALA C 99 -18.18 13.72 25.75
C ALA C 99 -17.13 13.03 24.91
N PHE C 100 -16.10 13.74 24.47
CA PHE C 100 -15.07 13.06 23.71
C PHE C 100 -14.24 12.16 24.60
N LEU C 101 -13.99 12.54 25.84
CA LEU C 101 -13.23 11.67 26.72
C LEU C 101 -14.03 10.41 26.93
N CYS C 102 -15.34 10.55 27.04
CA CYS C 102 -16.21 9.41 27.21
C CYS C 102 -16.12 8.50 26.01
N CYS C 103 -16.16 9.06 24.79
CA CYS C 103 -16.07 8.24 23.59
C CYS C 103 -14.73 7.51 23.48
N ILE C 104 -13.63 8.16 23.84
CA ILE C 104 -12.34 7.50 23.78
C ILE C 104 -12.33 6.36 24.74
N SER C 105 -12.83 6.59 25.94
CA SER C 105 -12.85 5.56 26.93
C SER C 105 -13.66 4.36 26.50
N VAL C 106 -14.83 4.58 25.87
CA VAL C 106 -15.62 3.45 25.40
C VAL C 106 -14.90 2.70 24.27
N ASP C 107 -14.28 3.39 23.33
CA ASP C 107 -13.58 2.65 22.31
C ASP C 107 -12.43 1.86 22.89
N ARG C 108 -11.73 2.41 23.86
CA ARG C 108 -10.67 1.65 24.45
C ARG C 108 -11.23 0.42 25.10
N TYR C 109 -12.35 0.54 25.76
CA TYR C 109 -12.93 -0.63 26.35
C TYR C 109 -13.22 -1.67 25.33
N LEU C 110 -13.86 -1.30 24.24
CA LEU C 110 -14.19 -2.35 23.29
C LEU C 110 -12.94 -2.98 22.70
N ALA C 111 -11.93 -2.19 22.39
CA ALA C 111 -10.72 -2.74 21.82
C ALA C 111 -9.97 -3.65 22.79
N VAL C 112 -10.01 -3.37 24.07
CA VAL C 112 -9.25 -4.16 24.99
C VAL C 112 -10.04 -5.26 25.65
N ALA C 113 -11.22 -4.96 26.15
CA ALA C 113 -12.03 -5.94 26.82
C ALA C 113 -12.77 -6.81 25.84
N HIS C 114 -13.09 -6.28 24.65
CA HIS C 114 -13.80 -7.07 23.65
C HIS C 114 -13.14 -7.09 22.28
N PRO C 115 -11.91 -7.60 22.17
CA PRO C 115 -11.17 -7.63 20.98
C PRO C 115 -11.93 -8.61 20.22
N LEU C 116 -11.82 -8.55 18.93
CA LEU C 116 -12.43 -9.51 18.03
C LEU C 116 -13.95 -9.41 17.80
N ARG C 117 -14.69 -8.53 18.48
CA ARG C 117 -16.14 -8.56 18.24
C ARG C 117 -16.84 -7.33 17.69
N PHE C 118 -16.21 -6.18 17.67
CA PHE C 118 -16.89 -4.96 17.22
C PHE C 118 -16.16 -4.25 16.12
N ALA C 119 -15.78 -4.96 15.08
CA ALA C 119 -14.99 -4.34 14.04
C ALA C 119 -15.68 -3.19 13.39
N ARG C 120 -16.98 -3.28 13.25
CA ARG C 120 -17.76 -2.27 12.57
C ARG C 120 -17.80 -0.93 13.28
N LEU C 121 -17.52 -0.94 14.58
CA LEU C 121 -17.60 0.26 15.35
C LEU C 121 -16.26 0.92 15.51
N ARG C 122 -15.21 0.32 14.95
CA ARG C 122 -13.88 0.87 15.10
C ARG C 122 -13.32 1.28 13.76
N ARG C 123 -14.20 1.44 12.82
CA ARG C 123 -13.82 1.89 11.52
C ARG C 123 -13.66 3.38 11.62
N VAL C 124 -12.81 3.96 10.80
CA VAL C 124 -12.63 5.40 10.89
C VAL C 124 -13.88 6.18 10.54
N LYS C 125 -14.61 5.80 9.48
CA LYS C 125 -15.78 6.60 9.18
C LYS C 125 -16.86 6.42 10.23
N THR C 126 -16.87 5.31 10.96
CA THR C 126 -17.86 5.17 12.01
C THR C 126 -17.57 6.22 13.04
N ALA C 127 -16.30 6.34 13.39
CA ALA C 127 -15.92 7.33 14.38
C ALA C 127 -16.29 8.72 13.92
N VAL C 128 -16.18 9.00 12.63
CA VAL C 128 -16.55 10.32 12.16
C VAL C 128 -18.01 10.58 12.37
N ALA C 129 -18.83 9.61 12.07
CA ALA C 129 -20.25 9.79 12.30
C ALA C 129 -20.54 10.02 13.77
N VAL C 130 -19.79 9.35 14.65
CA VAL C 130 -19.99 9.56 16.08
C VAL C 130 -19.59 10.95 16.48
N SER C 131 -18.47 11.45 15.98
CA SER C 131 -18.08 12.79 16.34
C SER C 131 -19.14 13.76 15.90
N SER C 132 -19.72 13.55 14.72
CA SER C 132 -20.77 14.45 14.27
C SER C 132 -21.92 14.45 15.24
N VAL C 133 -22.33 13.27 15.70
CA VAL C 133 -23.41 13.21 16.65
C VAL C 133 -23.06 13.86 17.97
N VAL C 134 -21.84 13.66 18.47
CA VAL C 134 -21.46 14.29 19.73
C VAL C 134 -21.47 15.79 19.62
N TRP C 135 -20.89 16.34 18.57
CA TRP C 135 -20.88 17.77 18.48
C TRP C 135 -22.26 18.30 18.35
N ALA C 136 -23.05 17.72 17.47
CA ALA C 136 -24.36 18.25 17.27
C ALA C 136 -25.23 18.11 18.49
N THR C 137 -25.14 16.98 19.18
CA THR C 137 -26.00 16.75 20.32
C THR C 137 -25.69 17.68 21.44
N GLU C 138 -24.42 17.85 21.75
CA GLU C 138 -24.06 18.68 22.87
C GLU C 138 -24.25 20.16 22.58
N LEU C 139 -23.98 20.60 21.35
CA LEU C 139 -24.15 22.01 21.07
C LEU C 139 -25.63 22.33 21.07
N GLY C 140 -26.44 21.42 20.55
CA GLY C 140 -27.87 21.59 20.53
C GLY C 140 -28.42 21.60 21.95
N ALA C 141 -28.06 20.59 22.72
CA ALA C 141 -28.58 20.45 24.06
C ALA C 141 -28.27 21.65 24.94
N ASN C 142 -27.12 22.25 24.76
CA ASN C 142 -26.75 23.37 25.58
C ASN C 142 -27.01 24.71 24.90
N SER C 143 -27.79 24.72 23.81
CA SER C 143 -28.10 25.94 23.07
C SER C 143 -29.13 26.79 23.77
N ALA C 144 -29.84 26.22 24.75
CA ALA C 144 -30.92 26.91 25.42
C ALA C 144 -30.60 28.35 25.87
N PRO C 145 -29.42 28.68 26.41
CA PRO C 145 -29.10 30.00 26.88
C PRO C 145 -29.17 31.07 25.82
N LEU C 146 -29.16 30.70 24.58
CA LEU C 146 -29.15 31.64 23.49
C LEU C 146 -30.53 32.25 23.20
N PHE C 147 -31.54 31.56 23.70
CA PHE C 147 -32.93 31.97 23.49
C PHE C 147 -33.31 32.78 24.66
N HIS C 148 -32.36 32.93 25.54
CA HIS C 148 -32.48 33.90 26.53
C HIS C 148 -31.45 34.94 26.29
N ASP C 149 -31.56 36.08 26.95
CA ASP C 149 -30.61 37.18 26.87
C ASP C 149 -29.52 36.99 27.90
N GLU C 150 -28.29 36.87 27.51
CA GLU C 150 -27.34 36.55 28.52
C GLU C 150 -26.64 37.73 29.18
N LEU C 151 -26.75 38.95 28.68
CA LEU C 151 -25.96 40.06 29.26
C LEU C 151 -26.69 40.83 30.35
N PHE C 152 -26.08 40.98 31.52
CA PHE C 152 -26.81 41.67 32.57
C PHE C 152 -26.06 42.80 33.22
N ARG C 153 -26.72 43.88 33.59
CA ARG C 153 -26.02 44.92 34.35
C ARG C 153 -26.88 45.22 35.53
N ASP C 154 -26.26 45.78 36.57
CA ASP C 154 -26.95 46.09 37.82
C ASP C 154 -26.46 47.36 38.47
N ARG C 155 -27.14 47.80 39.52
CA ARG C 155 -26.73 48.99 40.25
C ARG C 155 -25.27 48.90 40.61
N TYR C 156 -24.79 47.69 40.73
CA TYR C 156 -23.40 47.47 41.16
C TYR C 156 -22.50 47.18 39.99
N ASN C 157 -21.20 47.37 40.17
CA ASN C 157 -20.26 47.22 39.07
C ASN C 157 -19.94 45.77 38.75
N HIS C 158 -20.82 45.16 37.97
CA HIS C 158 -20.55 43.92 37.30
C HIS C 158 -21.33 43.96 35.99
N THR C 159 -20.79 43.48 34.87
CA THR C 159 -21.57 43.44 33.64
C THR C 159 -21.40 42.01 33.20
N PHE C 160 -22.31 41.20 33.67
CA PHE C 160 -22.21 39.76 33.64
C PHE C 160 -22.65 39.12 32.35
N CYS C 161 -22.00 38.01 31.92
CA CYS C 161 -22.44 37.18 30.80
C CYS C 161 -22.72 35.80 31.38
N PHE C 162 -23.85 35.22 31.01
CA PHE C 162 -24.25 33.85 31.42
C PHE C 162 -24.46 33.61 32.90
N GLU C 163 -24.51 34.65 33.68
CA GLU C 163 -24.76 34.49 35.09
C GLU C 163 -25.56 35.65 35.57
N LYS C 164 -26.38 35.42 36.56
CA LYS C 164 -27.16 36.46 37.15
C LYS C 164 -27.29 36.16 38.64
N PHE C 165 -27.29 37.21 39.44
CA PHE C 165 -27.39 37.08 40.87
C PHE C 165 -28.52 37.93 41.42
N PRO C 166 -29.62 37.33 41.86
CA PRO C 166 -29.98 35.92 41.89
C PRO C 166 -30.26 35.41 40.50
N MET C 167 -29.97 34.13 40.30
CA MET C 167 -30.27 33.49 39.03
C MET C 167 -31.75 33.31 38.78
N GLU C 168 -32.09 32.87 37.57
CA GLU C 168 -33.48 32.67 37.18
C GLU C 168 -33.86 31.22 37.20
N GLY C 169 -35.13 30.96 36.88
CA GLY C 169 -35.55 29.59 36.73
C GLY C 169 -35.11 28.93 35.44
N TRP C 170 -34.79 29.70 34.42
CA TRP C 170 -34.45 29.10 33.14
C TRP C 170 -33.09 28.57 33.28
N VAL C 171 -32.53 28.73 34.46
CA VAL C 171 -31.18 28.30 34.63
C VAL C 171 -31.19 27.25 35.66
N ALA C 172 -31.79 27.48 36.82
CA ALA C 172 -31.79 26.36 37.75
C ALA C 172 -31.95 25.04 37.03
N TRP C 173 -32.78 24.99 36.02
CA TRP C 173 -32.90 23.72 35.34
C TRP C 173 -31.66 23.43 34.52
N MET C 174 -31.05 24.45 33.90
CA MET C 174 -29.83 24.18 33.16
C MET C 174 -28.73 23.68 34.08
N ASN C 175 -28.67 24.22 35.28
CA ASN C 175 -27.62 23.83 36.18
C ASN C 175 -27.78 22.41 36.60
N LEU C 176 -28.99 21.90 36.74
CA LEU C 176 -29.09 20.47 37.04
C LEU C 176 -28.72 19.61 35.82
N TYR C 177 -29.43 19.73 34.72
CA TYR C 177 -29.09 18.89 33.57
C TYR C 177 -27.59 18.83 33.36
N ARG C 178 -26.84 20.01 33.57
CA ARG C 178 -25.44 19.99 33.23
C ARG C 178 -24.64 19.20 34.25
N VAL C 179 -25.21 18.88 35.41
CA VAL C 179 -24.47 18.12 36.37
C VAL C 179 -24.82 16.68 36.22
N PHE C 180 -26.10 16.35 36.14
CA PHE C 180 -26.45 14.95 36.06
C PHE C 180 -26.22 14.33 34.71
N VAL C 181 -26.53 15.03 33.64
CA VAL C 181 -26.37 14.47 32.33
C VAL C 181 -25.06 14.94 31.75
N GLY C 182 -24.78 16.22 31.89
CA GLY C 182 -23.55 16.76 31.35
C GLY C 182 -22.31 16.15 31.97
N PHE C 183 -22.13 16.35 33.27
CA PHE C 183 -20.97 15.78 33.95
C PHE C 183 -21.03 14.37 34.49
N LEU C 184 -22.04 13.98 35.27
CA LEU C 184 -21.98 12.65 35.85
C LEU C 184 -22.27 11.51 34.91
N PHE C 185 -23.26 11.62 34.05
CA PHE C 185 -23.54 10.51 33.17
C PHE C 185 -22.31 10.03 32.41
N PRO C 186 -21.55 10.84 31.66
CA PRO C 186 -20.42 10.40 30.94
C PRO C 186 -19.28 10.02 31.85
N TRP C 187 -19.37 10.54 33.07
CA TRP C 187 -18.14 10.46 33.81
C TRP C 187 -18.21 9.07 34.36
N ALA C 188 -19.44 8.66 34.67
CA ALA C 188 -19.71 7.33 35.16
C ALA C 188 -19.39 6.30 34.07
N LEU C 189 -19.63 6.63 32.81
CA LEU C 189 -19.32 5.68 31.76
C LEU C 189 -17.83 5.58 31.65
N MET C 190 -17.12 6.68 31.84
CA MET C 190 -15.67 6.60 31.78
C MET C 190 -15.16 5.71 32.87
N LEU C 191 -15.77 5.82 34.04
CA LEU C 191 -15.36 5.02 35.14
C LEU C 191 -15.57 3.56 34.85
N LEU C 192 -16.74 3.22 34.31
CA LEU C 192 -17.02 1.82 34.01
C LEU C 192 -16.16 1.27 32.89
N SER C 193 -15.88 2.07 31.86
CA SER C 193 -15.05 1.59 30.79
C SER C 193 -13.65 1.38 31.27
N TYR C 194 -13.11 2.28 32.09
CA TYR C 194 -11.76 2.04 32.53
C TYR C 194 -11.70 0.93 33.52
N ARG C 195 -12.72 0.75 34.34
CA ARG C 195 -12.64 -0.37 35.23
C ARG C 195 -12.62 -1.64 34.42
N GLY C 196 -13.43 -1.71 33.37
CA GLY C 196 -13.51 -2.88 32.52
C GLY C 196 -12.18 -3.17 31.81
N ILE C 197 -11.49 -2.13 31.39
CA ILE C 197 -10.20 -2.33 30.79
C ILE C 197 -9.28 -2.88 31.81
N LEU C 198 -9.29 -2.35 33.02
CA LEU C 198 -8.37 -2.89 33.99
C LEU C 198 -8.66 -4.32 34.29
N ARG C 199 -9.92 -4.76 34.27
CA ARG C 199 -10.14 -6.18 34.48
C ARG C 199 -9.52 -6.98 33.32
N ALA C 200 -9.68 -6.50 32.08
CA ALA C 200 -9.11 -7.19 30.94
C ALA C 200 -7.61 -7.25 31.02
N VAL C 201 -7.02 -6.19 31.53
CA VAL C 201 -5.59 -6.10 31.70
C VAL C 201 -5.07 -6.96 32.81
N ARG C 202 -5.71 -6.97 33.96
CA ARG C 202 -5.13 -7.75 35.03
C ARG C 202 -5.13 -9.21 34.69
N GLY C 203 -6.07 -9.64 33.86
CA GLY C 203 -6.13 -11.03 33.45
C GLY C 203 -5.09 -11.42 32.38
N SER C 204 -4.35 -10.44 31.85
CA SER C 204 -3.35 -10.71 30.85
C SER C 204 -2.23 -11.47 31.47
N VAL C 205 -1.70 -12.42 30.75
CA VAL C 205 -0.61 -13.22 31.28
C VAL C 205 0.66 -12.97 30.54
N SER C 206 0.60 -12.07 29.59
CA SER C 206 1.70 -11.72 28.72
C SER C 206 2.20 -10.31 29.03
N THR C 207 1.61 -9.74 30.07
CA THR C 207 1.91 -8.40 30.52
C THR C 207 2.55 -8.51 31.89
N GLU C 208 3.75 -8.03 32.01
CA GLU C 208 4.43 -8.12 33.28
C GLU C 208 3.80 -7.12 34.20
N ARG C 209 3.93 -7.34 35.50
CA ARG C 209 3.35 -6.46 36.51
C ARG C 209 3.81 -5.01 36.39
N GLN C 210 4.94 -4.79 35.75
CA GLN C 210 5.43 -3.45 35.57
C GLN C 210 4.56 -2.69 34.58
N GLU C 211 4.03 -3.40 33.59
CA GLU C 211 3.19 -2.77 32.60
C GLU C 211 1.82 -2.65 33.15
N LYS C 212 1.44 -3.60 33.98
CA LYS C 212 0.13 -3.52 34.60
C LYS C 212 0.11 -2.28 35.49
N ALA C 213 1.23 -2.02 36.18
CA ALA C 213 1.31 -0.86 37.04
C ALA C 213 1.19 0.41 36.24
N LYS C 214 1.80 0.46 35.06
CA LYS C 214 1.67 1.66 34.26
C LYS C 214 0.23 1.84 33.81
N ILE C 215 -0.41 0.76 33.42
CA ILE C 215 -1.76 0.86 32.92
C ILE C 215 -2.70 1.29 34.02
N LYS C 216 -2.58 0.71 35.21
CA LYS C 216 -3.49 1.13 36.26
C LYS C 216 -3.23 2.55 36.68
N ARG C 217 -1.97 2.99 36.79
CA ARG C 217 -1.78 4.37 37.18
C ARG C 217 -2.34 5.31 36.14
N LEU C 218 -2.18 5.00 34.86
CA LEU C 218 -2.75 5.88 33.86
C LEU C 218 -4.27 5.83 33.88
N ALA C 219 -4.85 4.64 34.00
CA ALA C 219 -6.29 4.56 34.02
C ALA C 219 -6.88 5.35 35.16
N LEU C 220 -6.21 5.36 36.32
CA LEU C 220 -6.72 6.16 37.43
C LEU C 220 -6.57 7.64 37.13
N SER C 221 -5.47 8.07 36.52
CA SER C 221 -5.31 9.49 36.24
C SER C 221 -6.35 10.00 35.27
N LEU C 222 -6.77 9.15 34.35
CA LEU C 222 -7.77 9.50 33.35
C LEU C 222 -9.18 9.65 33.92
N ILE C 223 -9.38 9.22 35.16
CA ILE C 223 -10.65 9.39 35.82
C ILE C 223 -10.54 10.50 36.83
N ALA C 224 -9.50 10.44 37.66
CA ALA C 224 -9.29 11.39 38.73
C ALA C 224 -9.08 12.80 38.25
N ILE C 225 -8.39 13.01 37.14
CA ILE C 225 -8.19 14.39 36.72
C ILE C 225 -9.49 15.04 36.31
N VAL C 226 -10.39 14.27 35.70
CA VAL C 226 -11.65 14.78 35.23
C VAL C 226 -12.50 15.09 36.41
N LEU C 227 -12.52 14.18 37.38
CA LEU C 227 -13.32 14.40 38.54
C LEU C 227 -12.81 15.58 39.32
N VAL C 228 -11.50 15.70 39.49
CA VAL C 228 -10.96 16.81 40.22
C VAL C 228 -11.16 18.12 39.51
N CYS C 229 -10.93 18.20 38.22
CA CYS C 229 -11.11 19.46 37.55
C CYS C 229 -12.56 19.90 37.48
N PHE C 230 -13.49 18.98 37.28
CA PHE C 230 -14.86 19.40 37.13
C PHE C 230 -15.73 19.34 38.37
N ALA C 231 -15.50 18.42 39.29
CA ALA C 231 -16.39 18.32 40.44
C ALA C 231 -16.49 19.60 41.25
N PRO C 232 -15.42 20.39 41.51
CA PRO C 232 -15.46 21.62 42.28
C PRO C 232 -16.38 22.68 41.68
N TYR C 233 -16.72 22.55 40.41
CA TYR C 233 -17.60 23.48 39.76
C TYR C 233 -19.00 22.91 39.74
N HIS C 234 -19.12 21.64 39.40
CA HIS C 234 -20.41 21.04 39.26
C HIS C 234 -21.09 20.88 40.59
N VAL C 235 -20.30 20.74 41.64
CA VAL C 235 -20.86 20.65 42.96
C VAL C 235 -21.53 21.96 43.35
N LEU C 236 -21.01 23.11 42.87
CA LEU C 236 -21.63 24.35 43.23
C LEU C 236 -22.84 24.54 42.36
N LEU C 237 -22.81 24.05 41.13
CA LEU C 237 -24.01 24.25 40.34
C LEU C 237 -25.15 23.55 41.02
N LEU C 238 -24.92 22.37 41.59
CA LEU C 238 -26.03 21.74 42.26
C LEU C 238 -26.43 22.51 43.49
N SER C 239 -25.47 23.02 44.26
CA SER C 239 -25.89 23.71 45.46
C SER C 239 -26.65 24.97 45.14
N ARG C 240 -26.20 25.72 44.13
CA ARG C 240 -26.85 26.96 43.80
C ARG C 240 -28.25 26.73 43.32
N SER C 241 -28.42 25.74 42.46
CA SER C 241 -29.72 25.47 41.93
C SER C 241 -30.62 24.94 43.00
N ALA C 242 -30.14 23.98 43.78
CA ALA C 242 -31.01 23.41 44.78
C ALA C 242 -31.49 24.43 45.77
N ILE C 243 -30.61 25.36 46.16
CA ILE C 243 -31.00 26.37 47.10
C ILE C 243 -31.99 27.30 46.47
N TYR C 244 -31.74 27.73 45.24
CA TYR C 244 -32.62 28.61 44.54
C TYR C 244 -34.00 28.02 44.38
N LEU C 245 -34.09 26.78 43.94
CA LEU C 245 -35.39 26.18 43.74
C LEU C 245 -36.12 26.03 45.07
N GLY C 246 -35.37 25.70 46.13
CA GLY C 246 -35.95 25.58 47.45
C GLY C 246 -36.54 26.92 47.89
N ARG C 247 -35.73 28.00 47.77
CA ARG C 247 -36.17 29.34 48.19
C ARG C 247 -35.62 30.43 47.28
N PRO C 248 -36.26 30.68 46.15
CA PRO C 248 -35.82 31.66 45.18
C PRO C 248 -35.53 33.02 45.80
N TRP C 249 -36.19 33.32 46.90
CA TRP C 249 -36.02 34.60 47.56
C TRP C 249 -34.89 34.60 48.57
N ASP C 250 -33.71 34.34 48.06
CA ASP C 250 -32.46 34.37 48.80
C ASP C 250 -31.31 34.44 47.79
N CYS C 251 -30.18 35.08 48.18
CA CYS C 251 -28.99 35.14 47.32
C CYS C 251 -27.85 34.92 48.31
N GLY C 252 -28.19 34.81 49.57
CA GLY C 252 -27.19 34.72 50.64
C GLY C 252 -26.18 33.62 50.37
N PHE C 253 -26.63 32.52 49.80
CA PHE C 253 -25.72 31.46 49.45
C PHE C 253 -24.69 31.94 48.46
N GLU C 254 -25.17 32.67 47.45
CA GLU C 254 -24.36 33.13 46.34
C GLU C 254 -23.36 34.12 46.85
N GLU C 255 -23.82 34.86 47.83
CA GLU C 255 -22.98 35.84 48.44
C GLU C 255 -21.79 35.25 49.15
N ARG C 256 -21.89 34.02 49.61
CA ARG C 256 -20.80 33.45 50.39
C ARG C 256 -20.00 32.47 49.62
N VAL C 257 -20.30 32.32 48.35
CA VAL C 257 -19.64 31.32 47.60
C VAL C 257 -19.38 31.91 46.30
N PHE C 258 -19.45 33.21 46.27
CA PHE C 258 -19.40 33.79 44.93
C PHE C 258 -18.05 33.52 44.31
N SER C 259 -16.98 33.83 45.05
CA SER C 259 -15.62 33.64 44.57
C SER C 259 -15.26 32.19 44.36
N ALA C 260 -15.88 31.29 45.12
CA ALA C 260 -15.62 29.89 44.94
C ALA C 260 -16.16 29.47 43.61
N TYR C 261 -17.29 30.05 43.24
CA TYR C 261 -17.92 29.69 41.99
C TYR C 261 -17.01 30.03 40.85
N HIS C 262 -16.49 31.25 40.86
CA HIS C 262 -15.61 31.69 39.79
C HIS C 262 -14.25 31.05 39.82
N SER C 263 -13.74 30.74 41.02
CA SER C 263 -12.48 30.06 41.08
C SER C 263 -12.65 28.70 40.44
N SER C 264 -13.75 28.00 40.76
CA SER C 264 -13.95 26.72 40.18
C SER C 264 -14.09 26.82 38.67
N LEU C 265 -14.75 27.82 38.12
CA LEU C 265 -14.76 27.85 36.66
C LEU C 265 -13.39 27.96 36.14
N ALA C 266 -12.57 28.76 36.77
CA ALA C 266 -11.22 28.86 36.27
C ALA C 266 -10.50 27.54 36.37
N PHE C 267 -10.79 26.81 37.41
CA PHE C 267 -10.16 25.54 37.68
C PHE C 267 -10.48 24.54 36.56
N THR C 268 -11.70 24.59 36.04
CA THR C 268 -12.12 23.62 35.02
C THR C 268 -11.35 23.81 33.71
N SER C 269 -10.64 24.91 33.56
CA SER C 269 -9.91 25.18 32.33
C SER C 269 -8.66 24.35 32.24
N LEU C 270 -8.28 23.73 33.34
CA LEU C 270 -7.08 22.95 33.41
C LEU C 270 -7.14 21.70 32.57
N ASN C 271 -8.33 21.28 32.15
CA ASN C 271 -8.38 20.12 31.29
C ASN C 271 -7.80 20.44 29.93
N CYS C 272 -7.76 21.71 29.53
CA CYS C 272 -7.23 22.02 28.24
C CYS C 272 -5.71 21.91 28.23
N VAL C 273 -5.12 21.71 29.40
CA VAL C 273 -3.70 21.46 29.50
C VAL C 273 -3.51 19.98 29.80
N ALA C 274 -4.26 19.46 30.77
CA ALA C 274 -4.09 18.07 31.16
C ALA C 274 -4.53 17.04 30.14
N ASP C 275 -5.64 17.27 29.44
CA ASP C 275 -6.13 16.25 28.53
C ASP C 275 -5.14 15.87 27.45
N PRO C 276 -4.50 16.76 26.73
CA PRO C 276 -3.52 16.40 25.74
C PRO C 276 -2.28 15.76 26.33
N ILE C 277 -2.06 15.85 27.63
CA ILE C 277 -0.88 15.23 28.18
C ILE C 277 -1.22 13.80 28.46
N LEU C 278 -2.34 13.58 29.08
CA LEU C 278 -2.67 12.22 29.37
C LEU C 278 -3.01 11.45 28.10
N TYR C 279 -3.61 12.11 27.12
CA TYR C 279 -3.99 11.45 25.90
C TYR C 279 -2.98 11.47 24.78
N CYS C 280 -2.10 12.47 24.69
CA CYS C 280 -1.18 12.48 23.57
C CYS C 280 0.29 12.53 23.93
N LEU C 281 0.68 13.25 24.96
CA LEU C 281 2.12 13.33 25.23
C LEU C 281 2.71 12.36 26.24
N VAL C 282 1.96 11.85 27.19
CA VAL C 282 2.56 11.01 28.20
C VAL C 282 2.97 9.63 27.71
N ASN C 283 2.19 9.03 26.83
CA ASN C 283 2.54 7.74 26.26
C ASN C 283 3.58 7.89 25.22
N GLU C 284 4.73 7.24 25.35
CA GLU C 284 5.81 7.46 24.38
C GLU C 284 5.52 7.01 22.96
N GLY C 285 4.50 6.16 22.79
CA GLY C 285 4.12 5.71 21.47
C GLY C 285 3.70 6.90 20.61
N ALA C 286 3.20 7.93 21.27
CA ALA C 286 2.77 9.15 20.63
C ALA C 286 3.91 10.13 20.58
N ARG C 287 4.81 9.94 21.55
CA ARG C 287 5.58 11.10 21.89
C ARG C 287 6.73 11.08 20.94
N SER C 288 7.18 9.88 20.63
CA SER C 288 8.31 9.72 19.72
C SER C 288 7.91 10.03 18.28
N ASP C 289 6.59 9.97 17.96
CA ASP C 289 6.09 10.27 16.63
C ASP C 289 6.10 11.77 16.56
N VAL C 290 5.75 12.36 17.68
CA VAL C 290 5.75 13.80 17.74
C VAL C 290 7.18 14.28 17.60
N ALA C 291 8.10 13.66 18.33
CA ALA C 291 9.47 14.08 18.28
C ALA C 291 10.11 13.92 16.93
N LYS C 292 9.84 12.81 16.21
CA LYS C 292 10.52 12.70 14.94
C LYS C 292 9.99 13.77 14.04
N ALA C 293 8.71 14.13 14.17
CA ALA C 293 8.16 15.15 13.31
C ALA C 293 8.77 16.50 13.57
N LEU C 294 9.03 16.82 14.83
CA LEU C 294 9.62 18.11 15.14
C LEU C 294 11.02 18.17 14.57
N HIS C 295 11.75 17.06 14.64
CA HIS C 295 13.08 17.01 14.06
C HIS C 295 13.01 17.04 12.55
N ASN C 296 12.03 16.35 11.96
CA ASN C 296 11.94 16.30 10.52
C ASN C 296 11.57 17.65 9.98
N LEU C 297 10.71 18.38 10.68
CA LEU C 297 10.29 19.70 10.27
C LEU C 297 11.45 20.64 10.22
N LEU C 298 12.22 20.67 11.28
CA LEU C 298 13.32 21.60 11.29
C LEU C 298 14.41 21.19 10.34
N ARG C 299 14.67 19.89 10.20
CA ARG C 299 15.72 19.43 9.31
C ARG C 299 15.32 19.71 7.90
N PHE C 300 14.03 19.55 7.62
CA PHE C 300 13.44 19.83 6.34
C PHE C 300 13.63 21.29 6.00
N LEU C 301 13.30 22.16 6.95
CA LEU C 301 13.47 23.56 6.69
C LEU C 301 14.93 23.93 6.56
N ALA C 302 15.79 23.31 7.37
CA ALA C 302 17.22 23.61 7.31
C ALA C 302 17.88 23.24 5.97
N SER C 303 17.48 22.09 5.36
CA SER C 303 17.95 21.51 4.08
C SER C 303 19.48 21.22 4.05
N CYS D 3 -14.18 18.92 -14.74
CA CYS D 3 -13.42 19.98 -15.40
C CYS D 3 -12.13 19.37 -15.98
N THR D 4 -11.60 19.99 -17.07
CA THR D 4 -10.34 19.66 -17.78
C THR D 4 -10.28 18.31 -18.49
N LEU D 5 -10.58 17.25 -17.78
CA LEU D 5 -10.49 15.89 -18.27
C LEU D 5 -11.49 15.58 -19.36
N SER D 6 -11.06 14.77 -20.31
CA SER D 6 -11.89 14.29 -21.41
C SER D 6 -12.85 13.25 -20.92
N ALA D 7 -13.85 12.92 -21.72
CA ALA D 7 -14.78 11.89 -21.28
C ALA D 7 -14.08 10.59 -20.95
N GLU D 8 -13.04 10.24 -21.70
CA GLU D 8 -12.35 8.99 -21.41
C GLU D 8 -11.47 9.11 -20.18
N ASP D 9 -10.86 10.27 -19.96
CA ASP D 9 -10.03 10.39 -18.77
C ASP D 9 -10.87 10.36 -17.54
N LYS D 10 -12.07 10.93 -17.58
CA LYS D 10 -12.90 10.90 -16.41
C LYS D 10 -13.27 9.47 -16.10
N ALA D 11 -13.59 8.70 -17.13
CA ALA D 11 -13.95 7.30 -16.94
C ALA D 11 -12.78 6.51 -16.38
N ALA D 12 -11.56 6.81 -16.82
CA ALA D 12 -10.39 6.13 -16.33
C ALA D 12 -10.20 6.39 -14.85
N VAL D 13 -10.50 7.63 -14.41
CA VAL D 13 -10.41 8.00 -13.02
C VAL D 13 -11.44 7.25 -12.20
N GLU D 14 -12.66 7.16 -12.71
CA GLU D 14 -13.68 6.43 -12.02
C GLU D 14 -13.25 5.00 -11.79
N ARG D 15 -12.63 4.39 -12.81
CA ARG D 15 -12.18 3.02 -12.67
C ARG D 15 -11.10 2.90 -11.63
N SER D 16 -10.18 3.86 -11.59
CA SER D 16 -9.12 3.84 -10.61
C SER D 16 -9.73 3.88 -9.21
N LYS D 17 -10.76 4.71 -9.01
CA LYS D 17 -11.41 4.79 -7.72
C LYS D 17 -12.08 3.48 -7.32
N MET D 18 -12.67 2.77 -8.27
CA MET D 18 -13.26 1.49 -7.91
C MET D 18 -12.19 0.50 -7.50
N ILE D 19 -11.02 0.59 -8.12
CA ILE D 19 -9.94 -0.28 -7.75
C ILE D 19 -9.56 0.04 -6.32
N ASP D 20 -9.46 1.32 -5.96
CA ASP D 20 -9.13 1.66 -4.58
C ASP D 20 -10.15 1.14 -3.59
N ARG D 21 -11.44 1.16 -3.94
CA ARG D 21 -12.36 0.64 -2.96
C ARG D 21 -12.13 -0.83 -2.75
N ASN D 22 -11.86 -1.56 -3.82
CA ASN D 22 -11.65 -2.97 -3.66
C ASN D 22 -10.36 -3.27 -2.90
N LEU D 23 -9.33 -2.45 -3.10
CA LEU D 23 -8.11 -2.70 -2.38
C LEU D 23 -8.34 -2.49 -0.89
N ARG D 24 -9.11 -1.47 -0.53
CA ARG D 24 -9.38 -1.25 0.88
C ARG D 24 -10.17 -2.37 1.50
N GLU D 25 -11.16 -2.91 0.79
CA GLU D 25 -11.92 -3.99 1.41
C GLU D 25 -11.05 -5.22 1.64
N ASP D 26 -10.15 -5.52 0.71
CA ASP D 26 -9.29 -6.66 0.92
C ASP D 26 -8.32 -6.41 2.04
N GLY D 27 -7.92 -5.16 2.19
CA GLY D 27 -7.04 -4.75 3.26
C GLY D 27 -7.68 -5.05 4.60
N GLU D 28 -8.95 -4.67 4.77
CA GLU D 28 -9.63 -4.92 6.02
C GLU D 28 -9.76 -6.40 6.31
N LYS D 29 -10.03 -7.21 5.30
CA LYS D 29 -10.15 -8.62 5.54
C LYS D 29 -8.83 -9.20 6.02
N ALA D 30 -7.75 -8.79 5.36
CA ALA D 30 -6.43 -9.27 5.69
C ALA D 30 -6.03 -8.88 7.08
N ALA D 31 -6.41 -7.67 7.48
CA ALA D 31 -6.09 -7.16 8.80
C ALA D 31 -6.71 -8.00 9.90
N ARG D 32 -7.90 -8.53 9.65
CA ARG D 32 -8.57 -9.35 10.63
C ARG D 32 -7.94 -10.74 10.80
N GLU D 33 -7.34 -11.28 9.74
CA GLU D 33 -6.71 -12.61 9.79
C GLU D 33 -5.47 -12.67 10.67
N VAL D 34 -5.26 -13.83 11.30
CA VAL D 34 -4.10 -14.06 12.13
C VAL D 34 -3.02 -14.81 11.39
N LYS D 35 -1.87 -14.20 11.26
CA LYS D 35 -0.77 -14.83 10.55
C LYS D 35 0.18 -15.54 11.47
N LEU D 36 0.36 -16.82 11.23
CA LEU D 36 1.23 -17.64 12.03
C LEU D 36 2.33 -18.24 11.20
N LEU D 37 3.55 -18.06 11.63
CA LEU D 37 4.67 -18.63 10.91
C LEU D 37 5.01 -19.95 11.54
N LEU D 38 5.09 -21.02 10.77
CA LEU D 38 5.38 -22.31 11.35
C LEU D 38 6.78 -22.81 11.02
N LEU D 39 7.56 -22.90 12.07
CA LEU D 39 8.94 -23.31 12.05
C LEU D 39 9.14 -24.53 12.90
N GLY D 40 10.24 -25.19 12.71
CA GLY D 40 10.53 -26.30 13.58
C GLY D 40 11.84 -26.93 13.24
N ALA D 41 12.27 -27.79 14.14
CA ALA D 41 13.54 -28.48 14.02
C ALA D 41 13.46 -29.70 13.13
N GLY D 42 13.23 -29.47 11.85
CA GLY D 42 13.07 -30.54 10.87
C GLY D 42 11.83 -31.36 11.18
N GLU D 43 11.96 -32.69 11.20
CA GLU D 43 10.79 -33.54 11.45
C GLU D 43 10.52 -33.70 12.94
N SER D 44 10.05 -32.60 13.51
CA SER D 44 9.81 -32.39 14.92
C SER D 44 8.37 -32.49 15.35
N GLY D 45 7.52 -33.07 14.52
CA GLY D 45 6.10 -33.22 14.85
C GLY D 45 5.26 -32.12 14.22
N LYS D 46 5.93 -31.31 13.42
CA LYS D 46 5.33 -30.20 12.71
C LYS D 46 4.15 -30.70 11.89
N ASN D 47 4.32 -31.88 11.29
CA ASN D 47 3.33 -32.47 10.42
C ASN D 47 2.12 -33.05 11.15
N THR D 48 2.17 -33.10 12.48
CA THR D 48 1.04 -33.59 13.25
C THR D 48 0.23 -32.38 13.68
N ILE D 49 0.94 -31.33 14.04
CA ILE D 49 0.29 -30.12 14.48
C ILE D 49 -0.60 -29.56 13.39
N VAL D 50 -0.11 -29.57 12.16
CA VAL D 50 -0.88 -29.08 11.04
C VAL D 50 -2.10 -29.94 10.69
N LYS D 51 -2.20 -31.17 11.21
CA LYS D 51 -3.37 -31.97 10.91
C LYS D 51 -4.50 -31.51 11.81
N GLN D 52 -4.14 -31.07 13.00
CA GLN D 52 -5.13 -30.61 13.96
C GLN D 52 -5.53 -29.19 13.68
N MET D 53 -4.60 -28.44 13.11
CA MET D 53 -4.77 -27.05 12.74
C MET D 53 -4.98 -26.83 11.23
N LYS D 54 -5.54 -27.84 10.51
CA LYS D 54 -5.83 -27.82 9.07
C LYS D 54 -6.92 -26.79 8.75
N THR D 182 6.05 -27.26 -3.74
CA THR D 182 7.51 -27.16 -3.77
C THR D 182 8.03 -26.03 -2.82
N GLY D 183 7.33 -24.88 -2.79
CA GLY D 183 7.67 -23.69 -1.99
C GLY D 183 6.82 -23.61 -0.74
N ILE D 184 6.53 -22.40 -0.33
CA ILE D 184 5.79 -22.15 0.90
C ILE D 184 4.41 -22.78 0.87
N VAL D 185 4.04 -23.41 1.97
CA VAL D 185 2.75 -24.05 2.05
C VAL D 185 1.82 -23.36 3.02
N GLU D 186 0.66 -22.93 2.54
CA GLU D 186 -0.27 -22.25 3.42
C GLU D 186 -1.40 -23.14 3.85
N THR D 187 -1.79 -22.99 5.10
CA THR D 187 -2.93 -23.68 5.68
C THR D 187 -3.94 -22.72 6.25
N HIS D 188 -5.20 -22.90 5.91
CA HIS D 188 -6.22 -22.05 6.46
C HIS D 188 -6.93 -22.78 7.54
N PHE D 189 -7.26 -22.06 8.59
CA PHE D 189 -7.91 -22.67 9.72
C PHE D 189 -8.84 -21.71 10.46
N THR D 190 -10.03 -22.17 10.86
CA THR D 190 -10.90 -21.27 11.61
C THR D 190 -11.26 -21.83 12.97
N PHE D 191 -11.16 -21.00 13.99
CA PHE D 191 -11.52 -21.42 15.34
C PHE D 191 -12.02 -20.27 16.20
N LYS D 192 -13.23 -20.41 16.75
CA LYS D 192 -13.85 -19.38 17.61
C LYS D 192 -13.85 -18.04 16.90
N ASP D 193 -14.19 -18.09 15.63
CA ASP D 193 -14.31 -16.98 14.71
C ASP D 193 -13.00 -16.27 14.36
N LEU D 194 -11.86 -16.80 14.75
CA LEU D 194 -10.64 -16.24 14.23
C LEU D 194 -10.27 -17.00 13.02
N HIS D 195 -9.83 -16.29 12.01
CA HIS D 195 -9.39 -16.94 10.82
C HIS D 195 -7.89 -16.86 10.83
N PHE D 196 -7.28 -18.02 10.83
CA PHE D 196 -5.87 -18.16 10.92
C PHE D 196 -5.31 -18.56 9.60
N LYS D 197 -4.14 -18.07 9.33
CA LYS D 197 -3.44 -18.47 8.15
C LYS D 197 -2.05 -18.87 8.59
N MET D 198 -1.72 -20.11 8.39
CA MET D 198 -0.45 -20.64 8.82
C MET D 198 0.50 -20.83 7.66
N PHE D 199 1.73 -20.39 7.84
CA PHE D 199 2.71 -20.48 6.78
C PHE D 199 3.80 -21.44 7.10
N ASP D 200 3.83 -22.55 6.40
CA ASP D 200 4.86 -23.53 6.63
C ASP D 200 6.01 -23.21 5.72
N VAL D 201 7.10 -22.76 6.30
CA VAL D 201 8.20 -22.29 5.45
C VAL D 201 9.34 -23.24 5.44
N GLY D 202 9.08 -24.47 5.85
CA GLY D 202 10.13 -25.45 5.82
C GLY D 202 10.26 -25.93 4.39
N ALA D 203 11.17 -26.86 4.17
CA ALA D 203 11.47 -27.40 2.84
C ALA D 203 11.97 -26.34 1.85
N GLN D 204 12.49 -25.23 2.36
CA GLN D 204 13.09 -24.21 1.52
C GLN D 204 14.54 -24.20 1.86
N ARG D 205 15.30 -24.95 1.09
CA ARG D 205 16.70 -25.13 1.44
C ARG D 205 17.52 -24.02 0.83
N SER D 206 17.36 -22.86 1.44
CA SER D 206 17.90 -21.59 0.99
C SER D 206 18.29 -20.75 2.19
N GLU D 207 18.83 -19.57 1.98
CA GLU D 207 19.26 -18.77 3.12
C GLU D 207 18.14 -17.98 3.77
N ARG D 208 17.90 -18.21 5.07
CA ARG D 208 16.81 -17.52 5.75
C ARG D 208 17.02 -16.03 5.74
N LYS D 209 18.26 -15.60 5.79
CA LYS D 209 18.50 -14.17 5.84
C LYS D 209 17.96 -13.42 4.61
N LYS D 210 17.70 -14.13 3.49
CA LYS D 210 17.19 -13.46 2.31
C LYS D 210 15.69 -13.57 2.12
N TRP D 211 14.99 -14.12 3.09
CA TRP D 211 13.54 -14.16 2.99
C TRP D 211 12.80 -14.11 4.31
N ILE D 212 13.45 -14.41 5.41
CA ILE D 212 12.72 -14.48 6.66
C ILE D 212 12.11 -13.15 7.04
N HIS D 213 12.69 -12.04 6.60
CA HIS D 213 12.17 -10.73 6.90
C HIS D 213 10.81 -10.47 6.29
N CYS D 214 10.40 -11.26 5.33
CA CYS D 214 9.11 -11.00 4.74
C CYS D 214 8.01 -11.44 5.68
N PHE D 215 8.37 -12.15 6.74
CA PHE D 215 7.43 -12.61 7.75
C PHE D 215 7.50 -11.76 8.97
N GLU D 216 8.13 -10.60 8.89
CA GLU D 216 8.22 -9.74 10.04
C GLU D 216 6.84 -9.46 10.60
N GLY D 217 5.88 -9.22 9.73
CA GLY D 217 4.52 -8.89 10.12
C GLY D 217 3.62 -10.09 10.44
N VAL D 218 3.97 -10.88 11.44
CA VAL D 218 3.13 -12.02 11.81
C VAL D 218 2.74 -11.88 13.25
N THR D 219 1.67 -12.55 13.65
CA THR D 219 1.18 -12.50 15.01
C THR D 219 2.05 -13.29 15.92
N ALA D 220 2.39 -14.47 15.45
CA ALA D 220 3.19 -15.35 16.27
C ALA D 220 3.91 -16.33 15.43
N ILE D 221 4.94 -16.89 16.01
CA ILE D 221 5.70 -17.96 15.44
C ILE D 221 5.45 -19.20 16.21
N ILE D 222 5.09 -20.26 15.53
CA ILE D 222 4.90 -21.54 16.14
C ILE D 222 6.12 -22.32 15.86
N PHE D 223 6.73 -22.83 16.90
CA PHE D 223 7.98 -23.49 16.73
C PHE D 223 7.87 -24.90 17.27
N CYS D 224 8.16 -25.89 16.43
CA CYS D 224 8.04 -27.27 16.85
C CYS D 224 9.35 -27.96 17.15
N VAL D 225 9.41 -28.56 18.35
CA VAL D 225 10.53 -29.32 18.88
C VAL D 225 10.02 -30.65 19.37
N ALA D 226 10.72 -31.73 19.07
CA ALA D 226 10.22 -33.00 19.56
C ALA D 226 11.08 -33.65 20.59
N LEU D 227 10.45 -33.73 21.76
CA LEU D 227 11.25 -33.94 22.95
C LEU D 227 12.07 -35.23 22.90
N SER D 228 11.59 -36.26 22.21
CA SER D 228 12.26 -37.56 22.11
C SER D 228 13.61 -37.43 21.41
N ASP D 229 13.82 -36.31 20.74
CA ASP D 229 15.04 -35.95 20.01
C ASP D 229 16.26 -35.87 20.90
N TYR D 230 16.07 -35.78 22.20
CA TYR D 230 17.19 -35.63 23.11
C TYR D 230 18.25 -36.75 22.97
N ASP D 231 17.89 -37.98 22.56
CA ASP D 231 18.94 -39.00 22.46
C ASP D 231 19.37 -39.24 21.02
N LEU D 232 18.99 -38.36 20.11
CA LEU D 232 19.29 -38.54 18.70
C LEU D 232 20.34 -37.59 18.16
N VAL D 233 20.92 -37.97 17.05
CA VAL D 233 21.86 -37.11 16.36
C VAL D 233 21.38 -36.90 14.96
N LEU D 234 21.92 -35.86 14.34
CA LEU D 234 21.59 -35.52 12.98
C LEU D 234 22.19 -36.53 12.03
N ALA D 235 21.44 -36.91 11.00
CA ALA D 235 21.96 -37.89 10.05
C ALA D 235 23.22 -37.40 9.36
N GLU D 236 23.27 -36.11 9.08
CA GLU D 236 24.38 -35.47 8.43
C GLU D 236 25.61 -35.24 9.32
N ASP D 237 25.44 -35.42 10.64
CA ASP D 237 26.52 -35.19 11.59
C ASP D 237 26.30 -36.03 12.84
N GLU D 238 27.01 -37.14 12.93
CA GLU D 238 26.85 -38.11 14.01
C GLU D 238 27.18 -37.54 15.39
N GLU D 239 27.95 -36.46 15.44
CA GLU D 239 28.35 -35.88 16.71
C GLU D 239 27.46 -34.71 17.13
N MET D 240 26.50 -34.35 16.28
CA MET D 240 25.65 -33.21 16.61
C MET D 240 24.29 -33.65 17.11
N ASN D 241 24.04 -33.42 18.37
CA ASN D 241 22.78 -33.85 18.95
C ASN D 241 21.65 -33.07 18.34
N ARG D 242 20.63 -33.79 17.95
CA ARG D 242 19.45 -33.24 17.32
C ARG D 242 18.79 -32.18 18.20
N MET D 243 18.81 -32.36 19.51
CA MET D 243 18.20 -31.41 20.42
C MET D 243 18.97 -30.11 20.44
N HIS D 244 20.28 -30.16 20.25
CA HIS D 244 21.01 -28.93 20.27
C HIS D 244 20.82 -28.25 18.95
N ALA D 245 20.64 -29.04 17.89
CA ALA D 245 20.39 -28.44 16.60
C ALA D 245 19.09 -27.65 16.66
N SER D 246 18.12 -28.21 17.39
CA SER D 246 16.83 -27.60 17.61
C SER D 246 16.97 -26.30 18.38
N MET D 247 17.78 -26.32 19.44
CA MET D 247 18.02 -25.11 20.22
C MET D 247 18.73 -24.04 19.40
N LYS D 248 19.67 -24.44 18.54
CA LYS D 248 20.36 -23.46 17.72
C LYS D 248 19.38 -22.77 16.80
N LEU D 249 18.44 -23.51 16.23
CA LEU D 249 17.45 -22.88 15.38
C LEU D 249 16.56 -21.97 16.20
N PHE D 250 16.13 -22.43 17.37
CA PHE D 250 15.25 -21.64 18.18
C PHE D 250 15.89 -20.31 18.46
N ASP D 251 17.17 -20.31 18.84
CA ASP D 251 17.89 -19.09 19.15
C ASP D 251 18.03 -18.18 17.92
N SER D 252 18.28 -18.75 16.74
CA SER D 252 18.40 -17.94 15.53
C SER D 252 17.13 -17.19 15.19
N ILE D 253 15.99 -17.79 15.49
CA ILE D 253 14.70 -17.16 15.25
C ILE D 253 14.31 -16.24 16.39
N CYS D 254 14.41 -16.74 17.60
CA CYS D 254 13.99 -16.05 18.79
C CYS D 254 14.69 -14.73 18.99
N ASN D 255 15.98 -14.68 18.72
CA ASN D 255 16.73 -13.47 18.93
C ASN D 255 17.01 -12.73 17.61
N ASN D 256 16.24 -13.05 16.58
CA ASN D 256 16.36 -12.45 15.27
C ASN D 256 15.90 -11.03 15.31
N LYS D 257 16.59 -10.15 14.60
CA LYS D 257 16.19 -8.75 14.57
C LYS D 257 14.84 -8.49 13.94
N TRP D 258 14.35 -9.41 13.14
CA TRP D 258 13.07 -9.19 12.50
C TRP D 258 11.93 -9.62 13.38
N PHE D 259 12.20 -10.33 14.46
CA PHE D 259 11.16 -10.84 15.30
C PHE D 259 11.39 -10.48 16.74
N THR D 260 11.49 -9.19 17.03
CA THR D 260 11.82 -8.80 18.39
C THR D 260 10.62 -8.60 19.28
N ASP D 261 9.44 -8.50 18.68
CA ASP D 261 8.20 -8.31 19.40
C ASP D 261 7.15 -9.35 19.01
N THR D 262 7.58 -10.38 18.32
CA THR D 262 6.70 -11.45 17.86
C THR D 262 6.82 -12.58 18.81
N SER D 263 5.71 -13.02 19.38
CA SER D 263 5.77 -14.07 20.36
C SER D 263 5.98 -15.43 19.75
N ILE D 264 6.40 -16.37 20.58
CA ILE D 264 6.63 -17.73 20.15
C ILE D 264 5.78 -18.72 20.88
N ILE D 265 5.15 -19.58 20.13
CA ILE D 265 4.35 -20.63 20.70
C ILE D 265 5.16 -21.88 20.45
N LEU D 266 5.71 -22.42 21.49
CA LEU D 266 6.60 -23.56 21.42
C LEU D 266 5.89 -24.83 21.75
N PHE D 267 5.92 -25.76 20.82
CA PHE D 267 5.30 -27.03 21.05
C PHE D 267 6.30 -28.10 21.24
N LEU D 268 6.12 -28.84 22.31
CA LEU D 268 6.98 -29.95 22.63
C LEU D 268 6.23 -31.25 22.32
N ASN D 269 6.67 -31.86 21.24
CA ASN D 269 6.07 -33.03 20.60
C ASN D 269 6.68 -34.35 20.98
N LYS D 270 5.94 -35.41 20.69
CA LYS D 270 6.39 -36.76 20.93
C LYS D 270 6.76 -36.97 22.38
N LYS D 271 5.99 -36.37 23.25
CA LYS D 271 6.24 -36.52 24.66
C LYS D 271 5.96 -37.93 25.07
N ASP D 272 5.00 -38.65 24.51
CA ASP D 272 4.88 -39.99 25.08
C ASP D 272 6.18 -40.79 24.84
N LEU D 273 6.79 -40.59 23.67
CA LEU D 273 8.02 -41.28 23.34
C LEU D 273 9.14 -40.84 24.26
N PHE D 274 9.14 -39.57 24.64
CA PHE D 274 10.11 -38.98 25.57
C PHE D 274 10.05 -39.73 26.87
N GLU D 275 8.78 -39.90 27.29
CA GLU D 275 8.60 -40.18 28.70
C GLU D 275 9.17 -41.57 28.93
N GLU D 276 8.96 -42.46 27.94
CA GLU D 276 9.50 -43.80 28.04
C GLU D 276 11.01 -43.86 27.78
N LYS D 277 11.55 -43.06 26.85
CA LYS D 277 12.97 -43.18 26.59
C LYS D 277 13.81 -42.76 27.76
N ILE D 278 13.35 -41.76 28.49
CA ILE D 278 14.14 -41.23 29.59
C ILE D 278 14.32 -42.22 30.72
N LYS D 279 13.58 -43.34 30.70
CA LYS D 279 13.72 -44.34 31.73
C LYS D 279 14.88 -45.27 31.39
N LYS D 280 15.36 -45.18 30.15
CA LYS D 280 16.45 -45.99 29.67
C LYS D 280 17.67 -45.12 29.36
N SER D 281 17.42 -43.87 28.98
CA SER D 281 18.44 -42.92 28.54
C SER D 281 18.26 -41.54 29.20
N PRO D 282 18.93 -41.33 30.34
CA PRO D 282 18.69 -40.06 31.02
C PRO D 282 19.04 -38.88 30.16
N LEU D 283 18.58 -37.69 30.55
CA LEU D 283 18.81 -36.53 29.72
C LEU D 283 20.30 -36.26 29.54
N THR D 284 21.09 -36.43 30.60
CA THR D 284 22.51 -36.10 30.52
C THR D 284 23.07 -36.38 29.15
N ILE D 285 22.63 -37.46 28.54
CA ILE D 285 23.11 -37.85 27.22
C ILE D 285 23.31 -36.63 26.31
N CYS D 286 22.47 -35.59 26.45
CA CYS D 286 22.61 -34.38 25.63
C CYS D 286 22.79 -33.16 26.51
N TYR D 287 22.46 -33.31 27.79
CA TYR D 287 22.58 -32.25 28.78
C TYR D 287 23.37 -32.78 29.98
N PRO D 288 24.70 -32.94 29.89
CA PRO D 288 25.54 -33.54 30.92
C PRO D 288 25.42 -32.87 32.27
N GLU D 289 25.02 -31.59 32.29
CA GLU D 289 24.88 -30.85 33.53
C GLU D 289 23.58 -31.18 34.28
N TYR D 290 22.66 -31.89 33.63
CA TYR D 290 21.39 -32.20 34.25
C TYR D 290 21.59 -33.07 35.47
N ALA D 291 20.99 -32.69 36.58
CA ALA D 291 21.14 -33.44 37.82
C ALA D 291 19.81 -33.76 38.47
N GLY D 292 18.77 -33.86 37.68
CA GLY D 292 17.46 -34.19 38.21
C GLY D 292 17.28 -35.70 38.09
N SER D 293 16.08 -36.17 38.37
CA SER D 293 15.80 -37.60 38.29
C SER D 293 15.34 -37.96 36.90
N ASN D 294 15.24 -39.26 36.61
CA ASN D 294 14.71 -39.71 35.34
C ASN D 294 13.19 -39.82 35.43
N THR D 295 12.58 -38.66 35.61
CA THR D 295 11.16 -38.44 35.75
C THR D 295 10.79 -37.51 34.64
N TYR D 296 9.76 -37.81 33.89
CA TYR D 296 9.48 -36.90 32.80
C TYR D 296 8.99 -35.56 33.25
N GLU D 297 8.40 -35.45 34.41
CA GLU D 297 7.94 -34.14 34.79
C GLU D 297 9.13 -33.20 34.96
N GLU D 298 10.21 -33.71 35.57
CA GLU D 298 11.39 -32.91 35.76
C GLU D 298 12.19 -32.77 34.48
N ALA D 299 12.30 -33.85 33.72
CA ALA D 299 13.08 -33.80 32.51
C ALA D 299 12.44 -32.87 31.51
N ALA D 300 11.13 -32.90 31.42
CA ALA D 300 10.41 -32.06 30.51
C ALA D 300 10.56 -30.62 30.93
N ALA D 301 10.51 -30.35 32.24
CA ALA D 301 10.68 -28.99 32.70
C ALA D 301 12.06 -28.49 32.39
N TYR D 302 13.05 -29.36 32.48
CA TYR D 302 14.41 -28.97 32.20
C TYR D 302 14.53 -28.56 30.75
N ILE D 303 13.97 -29.35 29.84
CA ILE D 303 14.05 -29.01 28.43
C ILE D 303 13.32 -27.71 28.17
N GLN D 304 12.14 -27.54 28.74
CA GLN D 304 11.43 -26.30 28.55
C GLN D 304 12.28 -25.13 28.95
N CYS D 305 12.94 -25.23 30.11
CA CYS D 305 13.77 -24.14 30.58
C CYS D 305 14.91 -23.86 29.64
N GLN D 306 15.50 -24.92 29.09
CA GLN D 306 16.61 -24.73 28.19
C GLN D 306 16.21 -23.90 26.98
N PHE D 307 14.98 -24.06 26.50
CA PHE D 307 14.52 -23.25 25.38
C PHE D 307 14.10 -21.84 25.81
N GLU D 308 13.43 -21.71 26.95
CA GLU D 308 12.96 -20.40 27.39
C GLU D 308 14.11 -19.48 27.76
N ASP D 309 15.24 -20.05 28.17
CA ASP D 309 16.39 -19.25 28.54
C ASP D 309 17.21 -18.80 27.33
N LEU D 310 16.76 -19.15 26.12
CA LEU D 310 17.42 -18.68 24.92
C LEU D 310 16.81 -17.35 24.54
N ASN D 311 15.79 -16.92 25.26
CA ASN D 311 15.12 -15.67 24.98
C ASN D 311 15.89 -14.52 25.57
N LYS D 312 16.52 -13.69 24.75
CA LYS D 312 17.33 -12.61 25.29
C LYS D 312 16.54 -11.31 25.42
N ARG D 313 15.27 -11.40 25.10
CA ARG D 313 14.34 -10.28 25.11
C ARG D 313 13.08 -10.62 25.90
N LYS D 314 13.26 -11.21 27.09
CA LYS D 314 12.13 -11.67 27.92
C LYS D 314 11.15 -10.60 28.33
N ASP D 315 11.58 -9.35 28.32
CA ASP D 315 10.72 -8.26 28.71
C ASP D 315 9.93 -7.68 27.53
N THR D 316 10.11 -8.27 26.35
CA THR D 316 9.45 -7.82 25.15
C THR D 316 8.58 -8.91 24.54
N LYS D 317 9.13 -10.11 24.39
CA LYS D 317 8.39 -11.17 23.74
C LYS D 317 8.21 -12.38 24.64
N GLU D 318 6.98 -12.86 24.66
CA GLU D 318 6.65 -14.01 25.48
C GLU D 318 6.84 -15.32 24.73
N ILE D 319 7.11 -16.39 25.48
CA ILE D 319 7.15 -17.73 24.93
C ILE D 319 6.09 -18.56 25.63
N TYR D 320 5.20 -19.11 24.84
CA TYR D 320 4.13 -19.91 25.38
C TYR D 320 4.56 -21.32 25.14
N THR D 321 4.64 -22.15 26.17
CA THR D 321 5.09 -23.51 25.94
C THR D 321 4.03 -24.50 26.25
N HIS D 322 3.83 -25.41 25.33
CA HIS D 322 2.84 -26.42 25.53
C HIS D 322 3.40 -27.78 25.18
N PHE D 323 2.98 -28.78 25.90
CA PHE D 323 3.38 -30.14 25.61
C PHE D 323 2.20 -30.77 24.92
N THR D 324 2.39 -31.17 23.67
CA THR D 324 1.28 -31.67 22.86
C THR D 324 1.23 -33.15 22.97
N CYS D 325 2.40 -33.70 23.27
CA CYS D 325 2.61 -35.12 23.44
C CYS D 325 2.33 -35.96 22.21
N SER D 326 1.96 -35.29 21.11
CA SER D 326 1.52 -35.85 19.83
C SER D 326 0.18 -36.60 19.97
N THR D 327 -0.49 -36.41 21.11
CA THR D 327 -1.77 -37.05 21.37
C THR D 327 -2.89 -36.08 21.77
N ASP D 328 -2.54 -34.86 22.18
CA ASP D 328 -3.56 -33.95 22.69
C ASP D 328 -4.36 -33.43 21.54
N THR D 329 -5.57 -32.96 21.85
CA THR D 329 -6.52 -32.37 20.90
C THR D 329 -6.72 -30.88 21.18
N LYS D 330 -6.09 -30.40 22.24
CA LYS D 330 -6.18 -29.02 22.69
C LYS D 330 -5.15 -28.12 22.06
N ASN D 331 -4.37 -28.64 21.16
CA ASN D 331 -3.30 -27.88 20.54
C ASN D 331 -3.85 -26.66 19.83
N VAL D 332 -5.06 -26.76 19.29
CA VAL D 332 -5.72 -25.65 18.66
C VAL D 332 -6.04 -24.57 19.66
N GLN D 333 -6.51 -24.99 20.83
CA GLN D 333 -6.89 -24.10 21.89
C GLN D 333 -5.66 -23.40 22.42
N PHE D 334 -4.54 -24.11 22.46
CA PHE D 334 -3.32 -23.53 22.96
C PHE D 334 -2.92 -22.38 22.06
N VAL D 335 -3.02 -22.57 20.75
CA VAL D 335 -2.66 -21.50 19.85
C VAL D 335 -3.62 -20.37 19.98
N PHE D 336 -4.91 -20.68 20.04
CA PHE D 336 -5.93 -19.67 20.15
C PHE D 336 -5.68 -18.76 21.32
N ASP D 337 -5.42 -19.33 22.50
CA ASP D 337 -5.22 -18.50 23.65
C ASP D 337 -3.94 -17.71 23.57
N ALA D 338 -2.85 -18.29 23.06
CA ALA D 338 -1.66 -17.49 22.95
C ALA D 338 -1.93 -16.31 22.04
N VAL D 339 -2.67 -16.55 20.97
CA VAL D 339 -3.02 -15.51 20.03
C VAL D 339 -3.91 -14.44 20.60
N THR D 340 -4.93 -14.77 21.39
CA THR D 340 -5.75 -13.69 21.92
C THR D 340 -4.95 -12.84 22.91
N ASP D 341 -3.97 -13.44 23.60
CA ASP D 341 -3.15 -12.63 24.50
C ASP D 341 -2.26 -11.69 23.69
N VAL D 342 -1.78 -12.15 22.54
CA VAL D 342 -0.97 -11.28 21.69
C VAL D 342 -1.82 -10.14 21.17
N ILE D 343 -3.05 -10.46 20.74
CA ILE D 343 -3.94 -9.45 20.19
C ILE D 343 -4.29 -8.39 21.22
N ILE D 344 -4.59 -8.78 22.45
CA ILE D 344 -4.87 -7.76 23.44
C ILE D 344 -3.66 -6.90 23.66
N LYS D 345 -2.45 -7.46 23.78
CA LYS D 345 -1.33 -6.55 23.94
C LYS D 345 -1.24 -5.58 22.78
N ASN D 346 -1.50 -6.06 21.57
CA ASN D 346 -1.44 -5.15 20.45
C ASN D 346 -2.53 -4.07 20.53
N ASN D 347 -3.72 -4.41 21.03
CA ASN D 347 -4.73 -3.37 21.14
C ASN D 347 -4.35 -2.38 22.23
N LEU D 348 -3.73 -2.84 23.32
CA LEU D 348 -3.30 -1.92 24.37
C LEU D 348 -2.26 -0.96 23.82
N LYS D 349 -1.41 -1.43 22.93
CA LYS D 349 -0.44 -0.51 22.34
C LYS D 349 -1.15 0.52 21.45
N ASP D 350 -2.12 0.09 20.64
CA ASP D 350 -2.84 1.00 19.73
C ASP D 350 -3.76 1.98 20.46
N CYS D 351 -4.25 1.55 21.62
CA CYS D 351 -5.11 2.36 22.46
C CYS D 351 -4.36 3.42 23.21
N GLY D 352 -3.02 3.35 23.21
CA GLY D 352 -2.21 4.27 23.97
C GLY D 352 -2.22 3.94 25.46
N LEU D 353 -2.46 2.68 25.82
CA LEU D 353 -2.49 2.30 27.22
C LEU D 353 -1.24 1.56 27.70
N PHE D 354 -0.65 0.69 26.83
CA PHE D 354 0.51 -0.13 27.12
C PHE D 354 1.76 0.76 27.22
N ASP E 1 -16.67 -17.29 -26.61
CA ASP E 1 -16.29 -15.96 -27.06
C ASP E 1 -17.18 -14.95 -26.33
N VAL E 2 -16.97 -13.65 -26.61
CA VAL E 2 -17.69 -12.50 -26.06
C VAL E 2 -19.03 -12.39 -26.74
N GLN E 3 -20.08 -12.29 -25.96
CA GLN E 3 -21.39 -12.20 -26.53
C GLN E 3 -22.33 -11.25 -25.81
N LEU E 4 -23.12 -10.51 -26.59
CA LEU E 4 -24.16 -9.65 -26.08
C LEU E 4 -25.41 -9.94 -26.84
N VAL E 5 -26.48 -10.30 -26.14
CA VAL E 5 -27.72 -10.57 -26.83
C VAL E 5 -28.85 -9.69 -26.37
N GLU E 6 -29.33 -8.86 -27.27
CA GLU E 6 -30.43 -7.98 -27.00
C GLU E 6 -31.73 -8.72 -27.17
N SER E 7 -32.71 -8.37 -26.37
CA SER E 7 -34.03 -8.93 -26.49
C SER E 7 -35.07 -8.00 -25.91
N GLY E 8 -36.34 -8.30 -26.16
CA GLY E 8 -37.41 -7.45 -25.60
C GLY E 8 -37.94 -6.44 -26.60
N GLY E 9 -37.51 -6.55 -27.84
CA GLY E 9 -37.97 -5.64 -28.87
C GLY E 9 -39.34 -6.12 -29.31
N GLY E 10 -39.86 -5.53 -30.36
CA GLY E 10 -41.21 -5.85 -30.80
C GLY E 10 -42.01 -4.60 -31.10
N LEU E 11 -43.31 -4.78 -31.29
CA LEU E 11 -44.22 -3.70 -31.63
C LEU E 11 -44.99 -3.13 -30.46
N VAL E 12 -44.88 -1.83 -30.31
CA VAL E 12 -45.55 -1.09 -29.25
C VAL E 12 -46.29 0.10 -29.85
N GLN E 13 -47.40 0.48 -29.25
CA GLN E 13 -48.15 1.61 -29.72
C GLN E 13 -47.58 2.87 -29.07
N PRO E 14 -47.68 4.04 -29.69
CA PRO E 14 -47.15 5.26 -29.16
C PRO E 14 -47.81 5.58 -27.86
N GLY E 15 -47.01 6.06 -26.95
CA GLY E 15 -47.41 6.42 -25.61
C GLY E 15 -47.18 5.27 -24.65
N GLY E 16 -46.89 4.09 -25.18
CA GLY E 16 -46.67 2.93 -24.35
C GLY E 16 -45.22 2.82 -23.92
N SER E 17 -44.88 1.66 -23.42
CA SER E 17 -43.53 1.45 -22.95
C SER E 17 -43.08 0.03 -23.12
N ARG E 18 -41.77 -0.13 -23.21
CA ARG E 18 -41.12 -1.42 -23.28
C ARG E 18 -39.85 -1.42 -22.50
N LYS E 19 -39.40 -2.61 -22.17
CA LYS E 19 -38.14 -2.75 -21.48
C LYS E 19 -37.24 -3.62 -22.31
N LEU E 20 -36.12 -3.08 -22.74
CA LEU E 20 -35.23 -3.88 -23.54
C LEU E 20 -34.22 -4.44 -22.58
N SER E 21 -33.83 -5.66 -22.81
CA SER E 21 -32.85 -6.35 -22.00
C SER E 21 -31.65 -6.67 -22.85
N CYS E 22 -30.47 -6.89 -22.23
CA CYS E 22 -29.26 -7.28 -22.94
C CYS E 22 -28.42 -8.21 -22.08
N SER E 23 -28.36 -9.46 -22.49
CA SER E 23 -27.66 -10.49 -21.74
C SER E 23 -26.25 -10.65 -22.18
N ALA E 24 -25.33 -10.47 -21.25
CA ALA E 24 -23.93 -10.58 -21.55
C ALA E 24 -23.39 -11.90 -21.10
N SER E 25 -22.46 -12.42 -21.85
CA SER E 25 -21.75 -13.61 -21.48
C SER E 25 -20.38 -13.60 -22.12
N GLY E 26 -19.47 -14.39 -21.59
CA GLY E 26 -18.16 -14.48 -22.23
C GLY E 26 -17.20 -13.39 -21.83
N PHE E 27 -17.58 -12.54 -20.89
CA PHE E 27 -16.67 -11.48 -20.49
C PHE E 27 -16.93 -10.99 -19.09
N ALA E 28 -16.00 -10.23 -18.56
CA ALA E 28 -16.13 -9.69 -17.23
C ALA E 28 -17.02 -8.47 -17.22
N PHE E 29 -18.30 -8.71 -17.40
CA PHE E 29 -19.33 -7.69 -17.58
C PHE E 29 -19.29 -6.58 -16.59
N SER E 30 -19.10 -6.89 -15.33
CA SER E 30 -19.14 -5.84 -14.33
C SER E 30 -18.04 -4.80 -14.49
N SER E 31 -16.97 -5.12 -15.23
CA SER E 31 -15.85 -4.23 -15.43
C SER E 31 -16.02 -3.30 -16.61
N PHE E 32 -17.07 -3.52 -17.39
CA PHE E 32 -17.29 -2.74 -18.58
C PHE E 32 -18.41 -1.76 -18.45
N GLY E 33 -18.22 -0.60 -19.04
CA GLY E 33 -19.26 0.39 -19.13
C GLY E 33 -20.11 -0.06 -20.27
N MET E 34 -21.34 0.35 -20.31
CA MET E 34 -22.15 -0.07 -21.42
C MET E 34 -22.92 1.06 -22.02
N HIS E 35 -23.08 1.00 -23.32
CA HIS E 35 -23.84 2.00 -24.02
C HIS E 35 -24.96 1.41 -24.81
N TRP E 36 -26.01 2.16 -24.99
CA TRP E 36 -27.01 1.77 -25.96
C TRP E 36 -26.89 2.72 -27.11
N VAL E 37 -26.89 2.17 -28.30
CA VAL E 37 -26.82 2.92 -29.55
C VAL E 37 -27.95 2.51 -30.47
N ARG E 38 -28.61 3.48 -31.06
CA ARG E 38 -29.69 3.20 -31.98
C ARG E 38 -29.34 3.32 -33.40
N GLN E 39 -29.93 2.49 -34.21
CA GLN E 39 -29.81 2.70 -35.62
C GLN E 39 -31.17 2.88 -36.21
N ALA E 40 -31.36 4.04 -36.76
CA ALA E 40 -32.63 4.40 -37.33
C ALA E 40 -32.85 3.58 -38.58
N PRO E 41 -34.07 3.41 -39.08
CA PRO E 41 -34.34 2.81 -40.37
C PRO E 41 -33.59 3.54 -41.51
N GLU E 42 -33.19 4.80 -41.24
CA GLU E 42 -32.45 5.70 -42.13
C GLU E 42 -30.96 5.41 -42.07
N LYS E 43 -30.61 4.50 -41.18
CA LYS E 43 -29.30 3.98 -40.85
C LYS E 43 -28.30 4.92 -40.18
N GLY E 44 -28.71 6.08 -39.74
CA GLY E 44 -27.73 6.84 -38.98
C GLY E 44 -27.61 6.18 -37.61
N LEU E 45 -26.47 6.32 -36.96
CA LEU E 45 -26.33 5.77 -35.63
C LEU E 45 -26.47 6.89 -34.64
N GLU E 46 -27.14 6.63 -33.53
CA GLU E 46 -27.25 7.63 -32.49
C GLU E 46 -26.96 7.06 -31.15
N TRP E 47 -26.21 7.75 -30.37
CA TRP E 47 -25.95 7.30 -29.04
C TRP E 47 -27.18 7.57 -28.21
N VAL E 48 -27.57 6.64 -27.34
CA VAL E 48 -28.71 6.83 -26.47
C VAL E 48 -28.36 7.01 -25.02
N ALA E 49 -27.63 6.09 -24.47
CA ALA E 49 -27.34 6.20 -23.06
C ALA E 49 -26.12 5.45 -22.66
N TYR E 50 -25.51 5.89 -21.58
CA TYR E 50 -24.34 5.25 -21.00
C TYR E 50 -24.47 4.97 -19.54
N ILE E 51 -24.10 3.76 -19.15
CA ILE E 51 -24.04 3.36 -17.76
C ILE E 51 -22.62 2.94 -17.45
N SER E 52 -21.98 3.60 -16.52
CA SER E 52 -20.61 3.25 -16.25
C SER E 52 -20.46 1.97 -15.48
N SER E 53 -19.24 1.45 -15.44
CA SER E 53 -18.99 0.29 -14.62
C SER E 53 -19.21 0.72 -13.17
N GLY E 54 -19.87 -0.11 -12.39
CA GLY E 54 -20.13 0.21 -11.01
C GLY E 54 -21.33 1.13 -10.86
N SER E 55 -21.93 1.50 -11.98
CA SER E 55 -23.05 2.41 -12.10
C SER E 55 -22.76 3.77 -11.51
N GLY E 56 -21.49 4.17 -11.53
CA GLY E 56 -21.12 5.46 -10.98
C GLY E 56 -21.75 6.64 -11.72
N THR E 57 -21.91 6.52 -13.03
CA THR E 57 -22.49 7.62 -13.75
C THR E 57 -23.33 7.20 -14.90
N ILE E 58 -24.31 8.02 -15.19
CA ILE E 58 -25.21 7.82 -16.28
C ILE E 58 -25.37 9.03 -17.17
N TYR E 59 -25.28 8.83 -18.47
CA TYR E 59 -25.53 9.93 -19.38
C TYR E 59 -26.60 9.52 -20.33
N TYR E 60 -27.42 10.48 -20.74
CA TYR E 60 -28.44 10.24 -21.73
C TYR E 60 -28.39 11.22 -22.83
N ALA E 61 -28.75 10.80 -24.01
CA ALA E 61 -28.93 11.70 -25.11
C ALA E 61 -30.08 12.62 -24.79
N ASP E 62 -30.02 13.84 -25.25
CA ASP E 62 -31.07 14.79 -24.95
C ASP E 62 -32.47 14.39 -25.37
N THR E 63 -32.60 13.59 -26.42
CA THR E 63 -33.90 13.19 -26.92
C THR E 63 -34.55 12.05 -26.15
N VAL E 64 -33.79 11.42 -25.26
CA VAL E 64 -34.34 10.33 -24.49
C VAL E 64 -34.25 10.66 -23.02
N LYS E 65 -33.50 11.67 -22.67
CA LYS E 65 -33.33 12.01 -21.29
C LYS E 65 -34.68 12.34 -20.71
N GLY E 66 -34.96 11.73 -19.57
CA GLY E 66 -36.23 11.92 -18.88
C GLY E 66 -37.30 10.94 -19.33
N ARG E 67 -37.02 10.16 -20.36
CA ARG E 67 -37.97 9.20 -20.88
C ARG E 67 -37.43 7.79 -20.73
N PHE E 68 -36.16 7.63 -21.07
CA PHE E 68 -35.55 6.32 -21.00
C PHE E 68 -34.70 6.27 -19.77
N THR E 69 -34.68 5.12 -19.13
CA THR E 69 -33.79 4.88 -18.00
C THR E 69 -32.87 3.72 -18.28
N ILE E 70 -31.58 3.92 -18.06
CA ILE E 70 -30.62 2.87 -18.31
C ILE E 70 -30.23 2.27 -16.99
N SER E 71 -30.19 0.95 -16.94
CA SER E 71 -29.80 0.30 -15.71
C SER E 71 -29.00 -0.95 -15.96
N ARG E 72 -28.31 -1.37 -14.93
CA ARG E 72 -27.43 -2.51 -14.92
C ARG E 72 -27.70 -3.44 -13.76
N ASP E 73 -27.59 -4.74 -14.00
CA ASP E 73 -27.70 -5.71 -12.92
C ASP E 73 -26.53 -6.70 -13.04
N ASP E 74 -25.41 -6.36 -12.38
CA ASP E 74 -24.19 -7.14 -12.55
C ASP E 74 -24.27 -8.62 -12.22
N PRO E 75 -24.90 -9.08 -11.15
CA PRO E 75 -25.02 -10.48 -10.81
C PRO E 75 -25.65 -11.35 -11.88
N LYS E 76 -26.42 -10.77 -12.80
CA LYS E 76 -27.04 -11.58 -13.84
C LYS E 76 -26.44 -11.25 -15.18
N ASN E 77 -25.43 -10.40 -15.18
CA ASN E 77 -24.82 -9.89 -16.38
C ASN E 77 -25.79 -9.24 -17.35
N THR E 78 -26.71 -8.40 -16.86
CA THR E 78 -27.63 -7.77 -17.81
C THR E 78 -27.75 -6.25 -17.76
N LEU E 79 -28.10 -5.70 -18.93
CA LEU E 79 -28.49 -4.30 -19.06
C LEU E 79 -29.90 -4.16 -19.44
N PHE E 80 -30.47 -3.03 -19.05
CA PHE E 80 -31.81 -2.74 -19.45
C PHE E 80 -32.01 -1.30 -19.91
N LEU E 81 -33.00 -1.10 -20.77
CA LEU E 81 -33.53 0.24 -20.99
C LEU E 81 -34.99 0.21 -20.73
N GLN E 82 -35.42 1.04 -19.79
CA GLN E 82 -36.84 1.12 -19.54
C GLN E 82 -37.25 2.29 -20.36
N MET E 83 -38.05 2.07 -21.37
CA MET E 83 -38.39 3.12 -22.28
C MET E 83 -39.82 3.57 -22.11
N THR E 84 -40.02 4.78 -21.58
CA THR E 84 -41.34 5.32 -21.30
C THR E 84 -41.80 6.32 -22.36
N SER E 85 -43.11 6.34 -22.62
CA SER E 85 -43.71 7.29 -23.55
C SER E 85 -43.05 7.23 -24.91
N LEU E 86 -43.02 6.03 -25.48
CA LEU E 86 -42.44 5.82 -26.80
C LEU E 86 -43.22 6.52 -27.88
N ARG E 87 -42.46 7.19 -28.76
CA ARG E 87 -43.01 7.93 -29.89
C ARG E 87 -42.48 7.24 -31.09
N SER E 88 -42.93 7.59 -32.28
CA SER E 88 -42.51 6.78 -33.43
C SER E 88 -41.07 7.09 -33.92
N GLU E 89 -40.52 8.20 -33.45
CA GLU E 89 -39.18 8.68 -33.72
C GLU E 89 -38.16 7.77 -33.07
N ASP E 90 -38.63 6.97 -32.12
CA ASP E 90 -37.87 6.00 -31.34
C ASP E 90 -37.70 4.66 -32.06
N THR E 91 -38.29 4.51 -33.24
CA THR E 91 -38.11 3.26 -33.96
C THR E 91 -36.66 3.14 -34.31
N ALA E 92 -36.07 1.99 -33.99
CA ALA E 92 -34.68 1.75 -34.30
C ALA E 92 -34.27 0.35 -33.95
N MET E 93 -33.11 -0.02 -34.47
CA MET E 93 -32.43 -1.20 -34.00
C MET E 93 -31.65 -0.75 -32.78
N TYR E 94 -31.76 -1.43 -31.68
CA TYR E 94 -31.05 -1.03 -30.48
C TYR E 94 -29.92 -1.96 -30.16
N TYR E 95 -28.71 -1.44 -30.12
CA TYR E 95 -27.54 -2.25 -29.89
C TYR E 95 -26.90 -1.97 -28.55
N CYS E 96 -26.38 -3.03 -27.89
CA CYS E 96 -25.57 -2.93 -26.66
C CYS E 96 -24.15 -2.79 -27.08
N VAL E 97 -23.48 -1.86 -26.49
CA VAL E 97 -22.10 -1.71 -26.83
C VAL E 97 -21.24 -1.74 -25.61
N ARG E 98 -20.25 -2.60 -25.68
CA ARG E 98 -19.31 -2.80 -24.60
C ARG E 98 -18.24 -1.75 -24.62
N SER E 99 -17.92 -1.15 -23.49
CA SER E 99 -16.86 -0.15 -23.49
C SER E 99 -16.06 -0.09 -22.19
N ILE E 100 -14.75 -0.20 -22.26
CA ILE E 100 -13.98 -0.14 -21.01
C ILE E 100 -12.96 0.95 -21.10
N TYR E 101 -12.82 1.74 -20.04
CA TYR E 101 -11.92 2.86 -20.09
C TYR E 101 -10.78 2.83 -19.10
N TYR E 102 -9.59 2.82 -19.64
CA TYR E 102 -8.36 2.86 -18.89
C TYR E 102 -7.28 3.29 -19.83
N TYR E 103 -6.13 3.68 -19.33
CA TYR E 103 -5.12 4.05 -20.27
C TYR E 103 -4.80 2.91 -21.21
N GLY E 104 -4.86 3.19 -22.50
CA GLY E 104 -4.56 2.21 -23.52
C GLY E 104 -5.71 1.29 -23.91
N SER E 105 -6.92 1.55 -23.45
CA SER E 105 -8.06 0.69 -23.73
C SER E 105 -8.66 0.89 -25.10
N SER E 106 -9.60 0.04 -25.45
CA SER E 106 -10.28 0.13 -26.73
C SER E 106 -11.73 0.10 -26.46
N PRO E 107 -12.36 1.25 -26.37
CA PRO E 107 -13.78 1.39 -26.17
C PRO E 107 -14.60 1.25 -27.45
N PHE E 108 -15.85 0.85 -27.17
CA PHE E 108 -16.72 0.35 -28.24
C PHE E 108 -16.19 -0.78 -29.08
N ASP E 109 -15.48 -1.75 -28.51
CA ASP E 109 -14.94 -2.82 -29.32
C ASP E 109 -15.82 -4.00 -29.51
N PHE E 110 -17.01 -3.98 -28.97
CA PHE E 110 -17.89 -5.10 -29.15
C PHE E 110 -19.33 -4.69 -29.06
N TRP E 111 -20.04 -4.94 -30.12
CA TRP E 111 -21.41 -4.58 -30.27
C TRP E 111 -22.25 -5.83 -30.28
N GLY E 112 -23.45 -5.73 -29.78
CA GLY E 112 -24.36 -6.85 -29.83
C GLY E 112 -24.96 -6.92 -31.20
N GLN E 113 -26.06 -7.59 -31.34
CA GLN E 113 -26.65 -7.79 -32.64
C GLN E 113 -27.89 -7.03 -32.74
N GLY E 114 -28.33 -6.48 -31.64
CA GLY E 114 -29.46 -5.61 -31.68
C GLY E 114 -30.80 -6.16 -31.66
N THR E 115 -31.69 -5.41 -31.09
CA THR E 115 -33.05 -5.90 -31.18
C THR E 115 -33.85 -4.84 -31.86
N THR E 116 -35.05 -5.15 -32.32
CA THR E 116 -35.77 -4.12 -33.05
C THR E 116 -36.98 -3.63 -32.34
N LEU E 117 -37.04 -2.32 -32.18
CA LEU E 117 -38.17 -1.70 -31.57
C LEU E 117 -38.91 -0.92 -32.60
N THR E 118 -40.17 -1.26 -32.77
CA THR E 118 -40.97 -0.54 -33.73
C THR E 118 -42.15 0.07 -33.03
N VAL E 119 -42.25 1.37 -33.17
CA VAL E 119 -43.30 2.10 -32.50
C VAL E 119 -44.23 2.59 -33.58
N SER E 120 -45.50 2.26 -33.45
CA SER E 120 -46.45 2.60 -34.51
C SER E 120 -46.74 4.11 -34.54
N SER E 121 -47.35 4.59 -35.66
CA SER E 121 -47.78 5.98 -35.95
C SER E 121 -46.81 7.06 -35.42
N GLY E 135 -27.82 23.25 -29.94
CA GLY E 135 -27.03 22.62 -28.93
C GLY E 135 -25.55 22.98 -29.12
N SER E 136 -24.70 22.45 -28.21
CA SER E 136 -23.24 22.62 -28.17
C SER E 136 -22.56 21.32 -28.58
N ASP E 137 -23.37 20.43 -29.11
CA ASP E 137 -23.00 19.10 -29.53
C ASP E 137 -21.97 19.17 -30.62
N ILE E 138 -21.05 18.24 -30.63
CA ILE E 138 -20.09 18.23 -31.70
C ILE E 138 -20.73 17.58 -32.88
N VAL E 139 -20.68 18.26 -34.00
CA VAL E 139 -21.26 17.72 -35.20
C VAL E 139 -20.21 17.08 -36.06
N MET E 140 -20.43 15.82 -36.39
CA MET E 140 -19.49 15.10 -37.23
C MET E 140 -20.09 15.04 -38.60
N THR E 141 -19.33 15.38 -39.62
CA THR E 141 -19.92 15.33 -40.93
C THR E 141 -19.13 14.48 -41.86
N GLN E 142 -19.80 13.61 -42.58
CA GLN E 142 -19.07 12.72 -43.44
C GLN E 142 -19.64 13.01 -44.76
N ALA E 143 -19.15 14.07 -45.36
CA ALA E 143 -19.73 14.52 -46.60
C ALA E 143 -20.20 13.42 -47.50
N THR E 144 -19.28 12.65 -48.05
CA THR E 144 -19.71 11.66 -49.01
C THR E 144 -20.77 10.76 -48.43
N SER E 145 -21.72 10.37 -49.24
CA SER E 145 -22.75 9.46 -48.79
C SER E 145 -22.34 8.10 -49.27
N SER E 146 -21.96 7.98 -50.55
CA SER E 146 -21.40 6.72 -50.99
C SER E 146 -20.23 6.91 -51.95
N VAL E 147 -19.35 5.91 -51.96
CA VAL E 147 -18.19 5.88 -52.85
C VAL E 147 -17.98 4.52 -53.50
N PRO E 148 -18.23 4.30 -54.80
CA PRO E 148 -17.96 3.05 -55.46
C PRO E 148 -16.47 2.88 -55.63
N VAL E 149 -15.95 1.72 -55.25
CA VAL E 149 -14.54 1.45 -55.42
C VAL E 149 -14.33 0.07 -55.99
N THR E 150 -13.55 -0.04 -57.05
CA THR E 150 -13.28 -1.33 -57.61
C THR E 150 -12.42 -2.13 -56.60
N PRO E 151 -12.80 -3.36 -56.20
CA PRO E 151 -12.05 -4.17 -55.28
C PRO E 151 -10.65 -4.29 -55.84
N GLY E 152 -9.68 -4.24 -54.97
CA GLY E 152 -8.29 -4.28 -55.35
C GLY E 152 -7.67 -2.87 -55.37
N GLU E 153 -8.49 -1.83 -55.36
CA GLU E 153 -8.01 -0.45 -55.33
C GLU E 153 -8.21 0.16 -53.96
N SER E 154 -7.44 1.20 -53.63
CA SER E 154 -7.54 1.89 -52.35
C SER E 154 -8.76 2.80 -52.22
N VAL E 155 -9.04 3.20 -50.97
CA VAL E 155 -10.20 4.05 -50.64
C VAL E 155 -9.78 5.19 -49.71
N SER E 156 -10.39 6.35 -49.86
CA SER E 156 -10.17 7.43 -48.89
C SER E 156 -11.50 8.00 -48.40
N ILE E 157 -11.82 7.77 -47.13
CA ILE E 157 -13.08 8.22 -46.53
C ILE E 157 -12.82 9.34 -45.55
N SER E 158 -13.35 10.52 -45.83
CA SER E 158 -13.09 11.64 -44.95
C SER E 158 -14.23 11.92 -43.97
N CYS E 159 -13.90 12.63 -42.87
CA CYS E 159 -14.83 13.09 -41.84
C CYS E 159 -14.35 14.41 -41.24
N ARG E 160 -15.27 15.33 -41.03
CA ARG E 160 -14.92 16.60 -40.43
C ARG E 160 -15.62 16.81 -39.11
N SER E 161 -15.00 17.57 -38.24
CA SER E 161 -15.65 17.91 -36.98
C SER E 161 -15.88 19.39 -36.83
N SER E 162 -16.98 19.75 -36.21
CA SER E 162 -17.28 21.14 -35.90
C SER E 162 -16.40 21.66 -34.76
N LYS E 163 -15.72 20.77 -34.07
CA LYS E 163 -14.86 21.11 -32.96
C LYS E 163 -13.59 20.27 -33.03
N SER E 164 -12.46 20.82 -32.63
CA SER E 164 -11.25 20.01 -32.63
C SER E 164 -11.44 18.84 -31.71
N LEU E 165 -10.98 17.67 -32.14
CA LEU E 165 -11.12 16.51 -31.27
C LEU E 165 -9.86 16.24 -30.53
N LEU E 166 -8.90 17.15 -30.65
CA LEU E 166 -7.64 17.00 -29.96
C LEU E 166 -7.69 17.66 -28.63
N HIS E 167 -7.54 16.84 -27.62
CA HIS E 167 -7.55 17.25 -26.25
C HIS E 167 -6.14 17.61 -25.83
N SER E 168 -6.01 18.45 -24.81
CA SER E 168 -4.72 18.89 -24.31
C SER E 168 -3.84 17.76 -23.78
N ASN E 169 -4.42 16.59 -23.52
CA ASN E 169 -3.65 15.45 -23.05
C ASN E 169 -2.94 14.72 -24.21
N GLY E 170 -3.11 15.21 -25.44
CA GLY E 170 -2.48 14.67 -26.62
C GLY E 170 -3.33 13.71 -27.43
N ASN E 171 -4.42 13.24 -26.87
CA ASN E 171 -5.29 12.32 -27.56
C ASN E 171 -6.30 12.99 -28.43
N THR E 172 -6.52 12.39 -29.58
CA THR E 172 -7.56 12.85 -30.47
C THR E 172 -8.65 11.82 -30.41
N TYR E 173 -9.82 12.22 -30.03
CA TYR E 173 -10.85 11.24 -29.78
C TYR E 173 -11.75 10.92 -30.92
N LEU E 174 -11.19 10.31 -31.92
CA LEU E 174 -11.96 9.90 -33.08
C LEU E 174 -12.03 8.41 -33.25
N TYR E 175 -13.22 7.90 -33.45
CA TYR E 175 -13.43 6.48 -33.68
C TYR E 175 -14.03 6.18 -35.05
N TRP E 176 -13.61 5.09 -35.66
CA TRP E 176 -14.22 4.66 -36.91
C TRP E 176 -14.81 3.29 -36.76
N PHE E 177 -16.04 3.12 -37.29
CA PHE E 177 -16.73 1.85 -37.24
C PHE E 177 -17.21 1.39 -38.60
N LEU E 178 -17.22 0.10 -38.83
CA LEU E 178 -17.77 -0.44 -40.06
C LEU E 178 -18.95 -1.33 -39.87
N GLN E 179 -20.02 -1.01 -40.56
CA GLN E 179 -21.19 -1.84 -40.48
C GLN E 179 -21.44 -2.54 -41.80
N ARG E 180 -21.22 -3.84 -41.83
CA ARG E 180 -21.39 -4.59 -43.05
C ARG E 180 -22.88 -4.85 -43.16
N PRO E 181 -23.45 -5.06 -44.34
CA PRO E 181 -24.85 -5.32 -44.47
C PRO E 181 -25.26 -6.50 -43.63
N GLY E 182 -26.33 -6.35 -42.87
CA GLY E 182 -26.85 -7.43 -42.05
C GLY E 182 -26.11 -7.65 -40.73
N GLN E 183 -25.09 -6.83 -40.45
CA GLN E 183 -24.29 -7.00 -39.26
C GLN E 183 -24.30 -5.77 -38.38
N SER E 184 -23.99 -5.96 -37.11
CA SER E 184 -23.86 -4.83 -36.22
C SER E 184 -22.52 -4.18 -36.52
N PRO E 185 -22.28 -2.91 -36.16
CA PRO E 185 -21.02 -2.23 -36.35
C PRO E 185 -19.82 -2.86 -35.67
N GLN E 186 -18.69 -2.78 -36.33
CA GLN E 186 -17.41 -3.24 -35.83
C GLN E 186 -16.45 -2.08 -35.64
N LEU E 187 -15.75 -2.03 -34.53
CA LEU E 187 -14.75 -0.99 -34.39
C LEU E 187 -13.56 -1.26 -35.25
N LEU E 188 -13.13 -0.27 -36.01
CA LEU E 188 -11.95 -0.44 -36.80
C LEU E 188 -10.81 0.28 -36.17
N ILE E 189 -11.03 1.56 -35.92
CA ILE E 189 -9.98 2.43 -35.43
C ILE E 189 -10.39 3.23 -34.23
N TYR E 190 -9.54 3.28 -33.23
CA TYR E 190 -9.84 4.09 -32.08
C TYR E 190 -8.78 5.17 -31.88
N ARG E 191 -9.22 6.31 -31.36
CA ARG E 191 -8.36 7.46 -31.09
C ARG E 191 -7.49 7.81 -32.29
N MET E 192 -8.13 7.97 -33.44
CA MET E 192 -7.51 8.32 -34.73
C MET E 192 -6.73 7.29 -35.47
N SER E 193 -5.73 6.71 -34.84
CA SER E 193 -4.85 5.81 -35.55
C SER E 193 -4.59 4.42 -34.99
N ASN E 194 -5.27 4.01 -33.93
CA ASN E 194 -4.99 2.70 -33.38
C ASN E 194 -5.94 1.65 -33.92
N LEU E 195 -5.43 0.55 -34.47
CA LEU E 195 -6.38 -0.42 -34.97
C LEU E 195 -6.91 -1.27 -33.86
N ALA E 196 -8.16 -1.66 -33.98
CA ALA E 196 -8.80 -2.55 -33.05
C ALA E 196 -8.30 -3.96 -33.28
N SER E 197 -8.29 -4.78 -32.25
CA SER E 197 -7.85 -6.13 -32.43
C SER E 197 -8.74 -6.82 -33.43
N GLY E 198 -8.13 -7.60 -34.31
CA GLY E 198 -8.87 -8.35 -35.32
C GLY E 198 -8.98 -7.58 -36.64
N VAL E 199 -8.60 -6.32 -36.63
CA VAL E 199 -8.68 -5.50 -37.82
C VAL E 199 -7.38 -5.62 -38.60
N PRO E 200 -7.44 -5.92 -39.89
CA PRO E 200 -6.30 -6.07 -40.76
C PRO E 200 -5.65 -4.74 -41.00
N ASP E 201 -4.40 -4.77 -41.44
CA ASP E 201 -3.59 -3.60 -41.68
C ASP E 201 -3.90 -2.89 -42.98
N ARG E 202 -4.96 -3.35 -43.63
CA ARG E 202 -5.49 -2.67 -44.77
C ARG E 202 -6.03 -1.34 -44.31
N PHE E 203 -6.48 -1.28 -43.05
CA PHE E 203 -7.06 -0.04 -42.55
C PHE E 203 -6.02 0.80 -41.86
N SER E 204 -6.07 2.09 -42.10
CA SER E 204 -5.17 3.03 -41.43
C SER E 204 -5.82 4.37 -41.21
N GLY E 205 -5.70 4.90 -40.01
CA GLY E 205 -6.30 6.20 -39.75
C GLY E 205 -5.24 7.28 -39.67
N SER E 206 -5.63 8.49 -40.05
CA SER E 206 -4.74 9.64 -39.97
C SER E 206 -5.53 10.91 -39.94
N GLY E 207 -4.89 12.02 -39.59
CA GLY E 207 -5.58 13.31 -39.59
C GLY E 207 -5.31 14.05 -38.31
N SER E 208 -5.90 15.23 -38.18
CA SER E 208 -5.68 16.05 -36.99
C SER E 208 -6.75 17.09 -36.83
N GLY E 209 -6.83 17.70 -35.65
CA GLY E 209 -7.73 18.82 -35.53
C GLY E 209 -9.17 18.43 -35.79
N THR E 210 -9.70 19.01 -36.86
CA THR E 210 -11.06 18.84 -37.32
C THR E 210 -11.17 18.10 -38.64
N ALA E 211 -10.07 17.58 -39.17
CA ALA E 211 -10.13 16.88 -40.45
C ALA E 211 -9.51 15.51 -40.35
N PHE E 212 -10.32 14.48 -40.55
CA PHE E 212 -9.81 13.14 -40.36
C PHE E 212 -10.02 12.28 -41.60
N THR E 213 -9.15 11.30 -41.79
CA THR E 213 -9.31 10.36 -42.89
C THR E 213 -9.12 8.89 -42.51
N LEU E 214 -10.00 8.06 -43.05
CA LEU E 214 -9.85 6.62 -42.98
C LEU E 214 -9.32 6.12 -44.30
N THR E 215 -8.16 5.51 -44.27
CA THR E 215 -7.54 5.02 -45.48
C THR E 215 -7.66 3.53 -45.55
N ILE E 216 -8.08 3.04 -46.70
CA ILE E 216 -8.13 1.61 -46.86
C ILE E 216 -7.15 1.32 -47.99
N SER E 217 -6.27 0.36 -47.80
CA SER E 217 -5.35 0.01 -48.85
C SER E 217 -5.76 -1.32 -49.43
N ARG E 218 -5.82 -1.42 -50.75
CA ARG E 218 -6.17 -2.66 -51.41
C ARG E 218 -7.51 -3.16 -50.95
N LEU E 219 -8.59 -2.59 -51.45
CA LEU E 219 -9.86 -3.03 -50.92
C LEU E 219 -10.29 -4.46 -51.16
N GLU E 220 -10.82 -5.10 -50.12
CA GLU E 220 -11.39 -6.44 -50.26
C GLU E 220 -12.91 -6.36 -50.31
N ALA E 221 -13.55 -7.39 -50.85
CA ALA E 221 -15.01 -7.40 -50.87
C ALA E 221 -15.62 -7.36 -49.46
N GLU E 222 -14.92 -7.95 -48.49
CA GLU E 222 -15.40 -7.99 -47.12
C GLU E 222 -15.37 -6.61 -46.45
N ASP E 223 -14.73 -5.63 -47.07
CA ASP E 223 -14.63 -4.31 -46.49
C ASP E 223 -15.78 -3.42 -46.95
N VAL E 224 -16.65 -3.95 -47.78
CA VAL E 224 -17.73 -3.13 -48.28
C VAL E 224 -18.88 -3.08 -47.29
N GLY E 225 -19.26 -1.86 -46.92
CA GLY E 225 -20.31 -1.57 -45.94
C GLY E 225 -20.29 -0.08 -45.63
N VAL E 226 -20.93 0.33 -44.54
CA VAL E 226 -20.98 1.74 -44.21
C VAL E 226 -19.99 2.11 -43.13
N TYR E 227 -19.20 3.12 -43.40
CA TYR E 227 -18.19 3.58 -42.47
C TYR E 227 -18.64 4.78 -41.68
N TYR E 228 -18.73 4.61 -40.37
CA TYR E 228 -19.20 5.65 -39.49
C TYR E 228 -18.08 6.29 -38.71
N CYS E 229 -18.15 7.62 -38.57
CA CYS E 229 -17.24 8.49 -37.84
C CYS E 229 -17.85 8.88 -36.49
N MET E 230 -17.16 8.63 -35.38
CA MET E 230 -17.70 9.02 -34.06
C MET E 230 -16.72 9.83 -33.22
N GLN E 231 -17.23 10.83 -32.52
CA GLN E 231 -16.36 11.57 -31.60
C GLN E 231 -16.60 11.12 -30.19
N HIS E 232 -15.56 10.97 -29.39
CA HIS E 232 -15.71 10.65 -27.98
C HIS E 232 -15.09 11.65 -27.08
N LEU E 233 -15.08 12.93 -27.43
CA LEU E 233 -14.50 14.00 -26.59
C LEU E 233 -15.43 14.46 -25.52
N GLU E 234 -16.72 14.40 -25.75
CA GLU E 234 -17.68 14.87 -24.82
C GLU E 234 -18.95 14.21 -25.06
N TYR E 235 -19.81 14.13 -24.06
CA TYR E 235 -21.10 13.57 -24.22
C TYR E 235 -22.08 14.67 -24.57
N PRO E 236 -23.08 14.45 -25.46
CA PRO E 236 -23.46 13.23 -26.12
C PRO E 236 -22.41 12.79 -27.08
N LEU E 237 -22.26 11.50 -27.25
CA LEU E 237 -21.30 11.03 -28.21
C LEU E 237 -22.01 11.18 -29.50
N THR E 238 -21.29 11.51 -30.55
CA THR E 238 -22.03 11.70 -31.78
C THR E 238 -21.39 11.01 -32.95
N PHE E 239 -22.23 10.67 -33.91
CA PHE E 239 -21.79 9.99 -35.11
C PHE E 239 -22.06 10.82 -36.32
N GLY E 240 -21.26 10.62 -37.35
CA GLY E 240 -21.50 11.27 -38.62
C GLY E 240 -22.53 10.48 -39.38
N ALA E 241 -22.89 10.96 -40.56
CA ALA E 241 -23.91 10.31 -41.37
C ALA E 241 -23.58 8.89 -41.83
N GLY E 242 -22.32 8.61 -42.10
CA GLY E 242 -21.91 7.31 -42.59
C GLY E 242 -21.73 7.29 -44.10
N THR E 243 -20.57 6.82 -44.56
CA THR E 243 -20.31 6.72 -46.00
C THR E 243 -20.38 5.29 -46.45
N LYS E 244 -21.23 5.03 -47.44
CA LYS E 244 -21.38 3.69 -47.93
C LYS E 244 -20.37 3.38 -48.99
N LEU E 245 -19.61 2.36 -48.78
CA LEU E 245 -18.65 1.99 -49.77
C LEU E 245 -19.46 1.09 -50.70
N GLU E 246 -19.28 1.20 -52.00
CA GLU E 246 -20.05 0.35 -52.92
C GLU E 246 -19.10 -0.49 -53.79
N LEU E 247 -19.60 -1.65 -54.31
CA LEU E 247 -18.91 -2.61 -55.22
C LEU E 247 -18.08 -3.58 -54.38
C1 CLR F . -11.68 14.53 11.34
C2 CLR F . -10.71 13.96 10.31
C3 CLR F . -11.48 13.12 9.29
C4 CLR F . -12.46 14.01 8.52
C5 CLR F . -13.35 14.72 9.52
C6 CLR F . -14.64 14.65 9.35
C7 CLR F . -15.61 15.31 10.29
C8 CLR F . -14.94 16.51 10.95
C9 CLR F . -13.66 16.04 11.65
C10 CLR F . -12.68 15.46 10.65
C11 CLR F . -12.98 17.16 12.45
C12 CLR F . -13.95 17.83 13.43
C13 CLR F . -15.17 18.32 12.65
C14 CLR F . -15.86 17.07 12.02
C15 CLR F . -17.18 17.68 11.52
C16 CLR F . -17.60 18.63 12.67
C17 CLR F . -16.29 18.99 13.43
C18 CLR F . -14.72 19.22 11.49
C19 CLR F . -11.91 16.63 10.05
C20 CLR F . -16.09 20.50 13.44
C21 CLR F . -14.77 20.84 14.13
C22 CLR F . -17.25 21.17 14.20
C23 CLR F . -17.04 22.68 14.21
C24 CLR F . -18.20 23.34 14.97
C25 CLR F . -18.00 24.86 14.99
C26 CLR F . -19.15 25.52 15.75
C27 CLR F . -16.68 25.19 15.68
O1 CLR F . -10.55 12.52 8.38
C1 CLR G . -26.41 11.99 24.99
C2 CLR G . -26.78 13.47 25.04
C3 CLR G . -26.28 14.08 26.35
C4 CLR G . -24.75 14.02 26.39
C5 CLR G . -24.32 12.58 26.17
C6 CLR G . -23.49 12.05 27.01
C7 CLR G . -23.00 10.63 26.92
C8 CLR G . -23.06 10.18 25.45
C9 CLR G . -24.49 10.38 24.93
C10 CLR G . -24.88 11.84 24.99
C11 CLR G . -24.67 9.86 23.50
C12 CLR G . -24.20 8.40 23.37
C13 CLR G . -22.76 8.31 23.86
C14 CLR G . -22.73 8.70 25.36
C15 CLR G . -21.31 8.31 25.77
C16 CLR G . -21.11 6.94 25.06
C17 CLR G . -22.09 6.93 23.86
C18 CLR G . -21.89 9.31 23.10
C19 CLR G . -24.35 12.51 23.71
C20 CLR G . -21.33 6.71 22.55
C21 CLR G . -22.30 6.77 21.37
C22 CLR G . -20.65 5.34 22.57
C23 CLR G . -19.88 5.13 21.27
C24 CLR G . -19.20 3.77 21.29
C25 CLR G . -18.42 3.55 19.99
C26 CLR G . -17.75 2.18 20.02
C27 CLR G . -19.41 3.61 18.81
O1 CLR G . -26.70 15.44 26.44
#